data_4TQQ
#
_entry.id   4TQQ
#
_cell.length_a   102.484
_cell.length_b   102.484
_cell.length_c   239.939
_cell.angle_alpha   90.000
_cell.angle_beta   90.000
_cell.angle_gamma   90.000
#
_symmetry.space_group_name_H-M   'P 42 21 2'
#
loop_
_entity.id
_entity.type
_entity.pdbx_description
1 polymer 'Reaction center protein H chain'
2 polymer 'Reaction center protein L chain'
3 polymer 'Reaction center protein M chain'
4 non-polymer 'BACTERIOPHEOPHYTIN A'
5 non-polymer 'BACTERIOCHLOROPHYLL A'
6 non-polymer UBIQUINONE-1
7 non-polymer 'FE (II) ION'
8 non-polymer UBIQUINONE-10
9 water water
#
loop_
_entity_poly.entity_id
_entity_poly.type
_entity_poly.pdbx_seq_one_letter_code
_entity_poly.pdbx_strand_id
1 'polypeptide(L)'
;DLASLAIYSFWIFLAGLIYYLQTENMREGYPLENEDGTPAANQGPFPLPKPKTFILPHGRGTLTVPGPESEDRPIALART
AVSEGFPHAPTGDPMKDGVGPASWVARRDLPELDGHGHNKIKPMKAAAGFHVSAGKNPIGLPVRGCDLEIAGKVVDIWVD
IPEQMARFLEVELKDGSTRLLPMQMVKVQSNRVHVNALSSDLFAGIPTIKSPTEVTLLEEDKICGYVAGGLMYAAPKRKS
;
H
2 'polypeptide(L)'
;ALLSFERKYRVPGGTLVGGNLFDFWVGPFYVGFFGVATFFFAALGIILIAWSAVLQGTWNPQLISVYPPALEYGLGGAPL
AKGGLWQIITICATGAFVSWALREVEICRKLGIGYHIPFAFAFAILAYLTLVLFRPVMMGAWGYAFPYGIWTHLDWVSNT
GYTYGNFHYNPAHMIAISFFFTNALALALHGALVLSAANPEKGKEMRTPDHEDTFFRDLVGYSIGTLGIHRLGLLLSLSA
VFFSALCMIITGTIWFDQWVDWWQWWVKLPWWANIPGGING
;
L
3 'polypeptide(L)'
;AEYQNIFSQVQVRGPADLGMTEDVNLANRSGVGPFSTLLGWFGNAQLGPIYLGSLGVLSLFSGLMWFFTIGIWFWYQAGW
NPAVFLRDLFFFSLEPPAPEYGLSFAAPLKEGGLWLIASFFMFVAVWSWWGRTYLRAQALGMGKHTAWAFLSAIWLWMVL
GFIRPILMGSWSEAVPYGIFSHLDWTNNFSLVHGNLFYNPFHGLSIAFLYGSALLFAMHGATILAVSRFGGERELEQIAD
RGTAAERAALFWRWTMGFNATMEGIHRWAIWMAVLVTLTGGIGILLSGTVVDNWYVWGQNHG
;
M
#
# COMPACT_ATOMS: atom_id res chain seq x y z
N ASP A 1 -37.39 6.94 3.35
CA ASP A 1 -36.59 6.43 2.24
C ASP A 1 -35.44 5.52 2.72
N LEU A 2 -35.40 4.31 2.20
CA LEU A 2 -34.51 3.30 2.76
C LEU A 2 -33.04 3.59 2.40
N ALA A 3 -32.83 4.26 1.27
CA ALA A 3 -31.49 4.61 0.86
C ALA A 3 -30.94 5.66 1.82
N SER A 4 -31.79 6.63 2.16
CA SER A 4 -31.44 7.66 3.12
C SER A 4 -31.06 7.03 4.45
N LEU A 5 -31.86 6.05 4.84
CA LEU A 5 -31.67 5.33 6.09
C LEU A 5 -30.31 4.67 6.10
N ALA A 6 -30.02 3.97 5.01
CA ALA A 6 -28.78 3.24 4.84
C ALA A 6 -27.55 4.16 4.92
N ILE A 7 -27.59 5.30 4.23
CA ILE A 7 -26.41 6.15 4.17
C ILE A 7 -26.19 6.88 5.51
N TYR A 8 -27.25 7.25 6.20
CA TYR A 8 -27.08 7.83 7.53
C TYR A 8 -26.57 6.77 8.53
N SER A 9 -26.92 5.52 8.31
CA SER A 9 -26.50 4.47 9.23
C SER A 9 -25.03 4.19 9.04
N PHE A 10 -24.60 4.25 7.79
CA PHE A 10 -23.24 3.92 7.51
C PHE A 10 -22.29 4.98 8.08
N TRP A 11 -22.70 6.23 8.03
CA TRP A 11 -21.90 7.29 8.63
C TRP A 11 -21.79 7.12 10.14
N ILE A 12 -22.85 6.66 10.79
CA ILE A 12 -22.78 6.33 12.21
C ILE A 12 -21.72 5.25 12.42
N PHE A 13 -21.84 4.17 11.65
CA PHE A 13 -20.87 3.09 11.69
C PHE A 13 -19.43 3.57 11.49
N LEU A 14 -19.23 4.46 10.53
CA LEU A 14 -17.89 4.87 10.15
C LEU A 14 -17.24 5.68 11.28
N ALA A 15 -18.02 6.51 11.97
CA ALA A 15 -17.52 7.28 13.11
C ALA A 15 -17.12 6.36 14.27
N GLY A 16 -17.98 5.42 14.63
CA GLY A 16 -17.59 4.40 15.58
C GLY A 16 -16.36 3.63 15.14
N LEU A 17 -16.23 3.36 13.84
CA LEU A 17 -15.09 2.60 13.34
C LEU A 17 -13.78 3.40 13.53
N ILE A 18 -13.81 4.66 13.15
CA ILE A 18 -12.64 5.53 13.28
C ILE A 18 -12.18 5.68 14.70
N TYR A 19 -13.14 5.82 15.59
CA TYR A 19 -12.83 5.98 17.01
C TYR A 19 -12.15 4.72 17.52
N TYR A 20 -12.66 3.55 17.13
CA TYR A 20 -12.01 2.29 17.41
C TYR A 20 -10.55 2.24 16.88
N LEU A 21 -10.34 2.55 15.61
CA LEU A 21 -8.99 2.47 15.00
C LEU A 21 -8.00 3.42 15.69
N GLN A 22 -8.44 4.64 15.97
CA GLN A 22 -7.57 5.58 16.64
C GLN A 22 -7.16 5.15 18.06
N THR A 23 -8.09 4.62 18.85
CA THR A 23 -7.77 4.23 20.23
C THR A 23 -6.81 3.03 20.17
N GLU A 24 -7.10 2.16 19.21
CA GLU A 24 -6.33 0.97 18.99
C GLU A 24 -4.87 1.31 18.56
N ASN A 25 -4.69 2.50 17.98
CA ASN A 25 -3.37 2.97 17.59
C ASN A 25 -2.71 3.83 18.67
N MET A 26 -3.26 3.77 19.88
CA MET A 26 -2.67 4.47 21.03
C MET A 26 -2.07 3.49 22.05
N ARG A 27 -1.77 2.27 21.60
CA ARG A 27 -1.23 1.25 22.48
C ARG A 27 0.26 1.37 22.70
N GLU A 28 0.92 2.24 21.95
CA GLU A 28 2.35 2.53 22.07
C GLU A 28 2.54 4.03 22.15
N GLY A 29 3.37 4.51 23.07
CA GLY A 29 3.76 5.92 23.08
C GLY A 29 2.91 6.88 23.92
N TYR A 30 1.74 6.43 24.36
CA TYR A 30 0.85 7.21 25.20
C TYR A 30 0.95 6.69 26.63
N PRO A 31 0.65 7.53 27.64
CA PRO A 31 0.21 8.93 27.59
C PRO A 31 1.29 9.86 27.00
N LEU A 32 0.82 10.94 26.39
CA LEU A 32 1.70 12.01 25.96
C LEU A 32 2.44 12.62 27.16
N GLU A 33 3.60 13.20 26.90
CA GLU A 33 4.41 13.78 27.97
C GLU A 33 4.83 15.20 27.64
N ASN A 34 4.98 16.00 28.68
CA ASN A 34 5.69 17.26 28.61
C ASN A 34 7.14 17.00 28.25
N GLU A 35 7.86 18.03 27.80
CA GLU A 35 9.26 17.84 27.44
C GLU A 35 10.16 17.51 28.63
N ASP A 36 9.65 17.69 29.85
CA ASP A 36 10.40 17.28 31.05
C ASP A 36 10.09 15.86 31.52
N GLY A 37 9.23 15.16 30.80
CA GLY A 37 8.94 13.77 31.11
C GLY A 37 7.70 13.55 31.96
N THR A 38 7.14 14.62 32.49
CA THR A 38 5.89 14.55 33.22
C THR A 38 4.71 14.40 32.26
N PRO A 39 3.60 13.79 32.72
CA PRO A 39 2.45 13.64 31.82
C PRO A 39 1.92 14.99 31.36
N ALA A 40 1.61 15.09 30.06
CA ALA A 40 1.00 16.30 29.53
C ALA A 40 -0.42 16.41 30.05
N ALA A 41 -0.94 17.63 30.12
CA ALA A 41 -2.29 17.83 30.65
C ALA A 41 -3.32 17.48 29.58
N ASN A 42 -3.09 17.97 28.37
CA ASN A 42 -3.91 17.64 27.20
C ASN A 42 -3.53 16.32 26.54
N GLN A 43 -4.32 15.27 26.80
CA GLN A 43 -4.06 13.94 26.24
C GLN A 43 -4.87 13.63 24.97
N GLY A 44 -5.66 14.59 24.50
CA GLY A 44 -6.46 14.40 23.29
C GLY A 44 -7.87 13.91 23.63
N PRO A 45 -8.75 13.87 22.63
CA PRO A 45 -10.17 13.52 22.81
C PRO A 45 -10.44 12.02 22.80
N PHE A 46 -9.43 11.20 22.55
CA PHE A 46 -9.61 9.73 22.54
C PHE A 46 -8.96 9.15 23.79
N PRO A 47 -9.68 8.25 24.47
CA PRO A 47 -9.10 7.65 25.68
C PRO A 47 -8.06 6.58 25.36
N LEU A 48 -7.18 6.29 26.31
CA LEU A 48 -6.32 5.12 26.18
C LEU A 48 -7.15 3.87 26.07
N PRO A 49 -6.70 2.94 25.22
CA PRO A 49 -7.38 1.64 25.15
C PRO A 49 -7.09 0.80 26.41
N LYS A 50 -8.03 -0.04 26.79
CA LYS A 50 -7.80 -1.03 27.82
C LYS A 50 -6.74 -2.03 27.36
N PRO A 51 -5.92 -2.53 28.29
CA PRO A 51 -4.79 -3.40 27.95
C PRO A 51 -5.19 -4.65 27.14
N LYS A 52 -4.28 -5.14 26.31
CA LYS A 52 -4.42 -6.44 25.65
C LYS A 52 -3.10 -7.21 25.88
N THR A 53 -3.15 -8.53 25.80
CA THR A 53 -1.94 -9.29 26.05
C THR A 53 -1.57 -10.17 24.87
N PHE A 54 -0.30 -10.13 24.49
CA PHE A 54 0.23 -11.06 23.55
C PHE A 54 0.98 -12.12 24.34
N ILE A 55 0.81 -13.38 23.95
CA ILE A 55 1.61 -14.44 24.52
C ILE A 55 2.67 -14.80 23.51
N LEU A 56 3.90 -14.43 23.82
CA LEU A 56 5.02 -14.55 22.91
C LEU A 56 5.38 -16.01 22.80
N PRO A 57 5.81 -16.43 21.61
CA PRO A 57 6.22 -17.83 21.42
C PRO A 57 7.58 -18.12 22.06
N HIS A 58 7.87 -19.42 22.20
CA HIS A 58 9.13 -19.93 22.71
C HIS A 58 9.42 -19.50 24.14
N GLY A 59 8.38 -19.42 24.98
CA GLY A 59 8.57 -19.14 26.39
C GLY A 59 9.10 -17.75 26.70
N ARG A 60 9.03 -16.88 25.71
CA ARG A 60 9.57 -15.53 25.84
C ARG A 60 8.66 -14.64 26.69
N GLY A 61 7.54 -15.16 27.18
CA GLY A 61 6.68 -14.42 28.09
C GLY A 61 5.46 -13.72 27.51
N THR A 62 4.97 -12.70 28.19
CA THR A 62 3.81 -11.98 27.70
C THR A 62 4.10 -10.52 27.53
N LEU A 63 3.33 -9.86 26.67
CA LEU A 63 3.41 -8.42 26.48
C LEU A 63 2.05 -7.81 26.69
N THR A 64 1.97 -6.79 27.52
CA THR A 64 0.72 -6.11 27.75
C THR A 64 0.83 -4.65 27.36
N VAL A 65 -0.05 -4.21 26.47
CA VAL A 65 -0.05 -2.83 26.01
C VAL A 65 -1.47 -2.28 25.95
N PRO A 66 -1.64 -1.02 26.38
CA PRO A 66 -0.55 -0.18 26.91
C PRO A 66 -0.13 -0.63 28.30
N GLY A 67 1.03 -0.17 28.72
CA GLY A 67 1.56 -0.44 30.04
C GLY A 67 2.60 0.62 30.33
N PRO A 68 3.06 0.72 31.58
CA PRO A 68 4.01 1.80 31.89
C PRO A 68 5.33 1.65 31.13
N GLU A 69 5.71 2.70 30.40
CA GLU A 69 6.89 2.72 29.55
C GLU A 69 8.09 3.47 30.14
N SER A 70 9.28 2.94 29.88
CA SER A 70 10.51 3.69 30.08
C SER A 70 11.27 3.75 28.79
N GLU A 71 12.31 4.58 28.76
CA GLU A 71 13.32 4.50 27.73
C GLU A 71 14.35 3.47 28.18
N ASP A 72 14.53 3.36 29.50
CA ASP A 72 15.47 2.41 30.08
C ASP A 72 16.86 2.62 29.54
N ARG A 73 17.17 3.89 29.31
CA ARG A 73 18.48 4.34 28.84
C ARG A 73 18.63 5.84 29.06
N PRO A 74 19.82 6.26 29.45
CA PRO A 74 20.03 7.69 29.62
C PRO A 74 20.10 8.39 28.26
N ILE A 75 19.56 9.59 28.21
CA ILE A 75 19.44 10.32 26.97
C ILE A 75 20.20 11.63 27.08
N ALA A 76 21.30 11.72 26.36
CA ALA A 76 22.24 12.83 26.47
C ALA A 76 21.81 14.03 25.63
N LEU A 77 20.76 14.70 26.07
CA LEU A 77 20.26 15.88 25.37
C LEU A 77 19.96 16.95 26.36
N ALA A 78 20.15 18.20 25.93
CA ALA A 78 19.78 19.35 26.72
C ALA A 78 18.71 20.14 25.96
N ARG A 79 17.72 20.60 26.70
CA ARG A 79 16.72 21.53 26.20
C ARG A 79 17.38 22.82 25.70
N THR A 80 16.95 23.36 24.55
CA THR A 80 17.57 24.57 24.02
C THR A 80 16.66 25.78 24.17
N ALA A 81 15.50 25.60 24.77
CA ALA A 81 14.58 26.71 24.95
C ALA A 81 13.69 26.52 26.18
N VAL A 82 13.31 27.65 26.77
CA VAL A 82 12.36 27.67 27.88
C VAL A 82 11.03 27.14 27.41
N SER A 83 10.65 27.49 26.19
CA SER A 83 9.38 27.03 25.70
C SER A 83 9.48 25.68 24.96
N GLU A 84 8.27 25.19 24.72
CA GLU A 84 7.86 23.88 24.29
C GLU A 84 7.90 23.95 22.78
N GLY A 85 8.52 22.95 22.15
CA GLY A 85 8.58 22.89 20.70
C GLY A 85 9.93 23.09 20.00
N PHE A 86 11.00 23.35 20.74
CA PHE A 86 12.32 23.55 20.11
C PHE A 86 13.20 22.30 20.18
N PRO A 87 14.25 22.25 19.34
CA PRO A 87 15.16 21.11 19.37
C PRO A 87 15.88 20.96 20.71
N HIS A 88 16.18 19.71 21.04
CA HIS A 88 17.04 19.34 22.14
C HIS A 88 18.42 19.00 21.59
N ALA A 89 19.45 19.71 22.06
CA ALA A 89 20.80 19.54 21.52
C ALA A 89 21.55 18.45 22.25
N PRO A 90 22.28 17.63 21.50
CA PRO A 90 23.20 16.65 22.10
C PRO A 90 24.22 17.33 23.00
N THR A 91 24.48 16.76 24.17
CA THR A 91 25.43 17.36 25.07
C THR A 91 26.83 16.79 24.83
N GLY A 92 26.87 15.63 24.17
CA GLY A 92 28.11 14.89 23.95
C GLY A 92 28.34 14.47 22.51
N ASP A 93 28.66 13.18 22.32
CA ASP A 93 28.87 12.66 20.98
C ASP A 93 27.62 11.87 20.62
N PRO A 94 26.80 12.41 19.69
CA PRO A 94 25.46 11.83 19.43
C PRO A 94 25.54 10.44 18.76
N MET A 95 26.54 10.21 17.93
CA MET A 95 26.85 8.88 17.42
C MET A 95 26.99 7.88 18.56
N LYS A 96 27.89 8.17 19.50
CA LYS A 96 28.17 7.28 20.61
C LYS A 96 27.07 7.27 21.67
N ASP A 97 26.38 8.39 21.84
CA ASP A 97 25.32 8.47 22.85
C ASP A 97 23.99 7.96 22.34
N GLY A 98 23.90 7.74 21.03
CA GLY A 98 22.71 7.15 20.44
C GLY A 98 21.49 8.03 20.54
N VAL A 99 21.61 9.27 20.06
CA VAL A 99 20.49 10.19 20.03
C VAL A 99 20.26 10.65 18.60
N GLY A 100 19.13 11.32 18.36
CA GLY A 100 18.78 11.77 17.03
C GLY A 100 18.68 10.58 16.06
N PRO A 101 19.12 10.78 14.81
CA PRO A 101 19.16 9.75 13.76
C PRO A 101 19.98 8.54 14.16
N ALA A 102 20.73 8.65 15.26
CA ALA A 102 21.58 7.58 15.74
C ALA A 102 20.95 6.84 16.91
N SER A 103 19.70 7.14 17.21
CA SER A 103 18.99 6.50 18.33
C SER A 103 18.82 4.99 18.17
N TRP A 104 18.69 4.33 19.31
CA TRP A 104 18.35 2.91 19.33
C TRP A 104 17.38 2.73 20.47
N VAL A 105 16.62 1.65 20.45
CA VAL A 105 15.65 1.37 21.47
C VAL A 105 16.19 0.19 22.27
N ALA A 106 15.95 0.21 23.57
CA ALA A 106 16.36 -0.89 24.45
C ALA A 106 15.47 -2.10 24.20
N ARG A 107 15.69 -2.79 23.09
CA ARG A 107 14.93 -3.99 22.77
C ARG A 107 15.55 -5.12 23.57
N ARG A 108 14.93 -6.29 23.56
CA ARG A 108 15.41 -7.39 24.36
C ARG A 108 16.76 -7.83 23.85
N ASP A 109 17.66 -8.09 24.78
CA ASP A 109 18.99 -8.50 24.42
C ASP A 109 18.97 -10.00 24.10
N LEU A 110 18.10 -10.38 23.17
CA LEU A 110 17.98 -11.76 22.71
C LEU A 110 17.82 -11.73 21.22
N PRO A 111 18.31 -12.77 20.53
CA PRO A 111 18.07 -12.81 19.09
C PRO A 111 16.60 -13.13 18.77
N GLU A 112 16.13 -12.68 17.60
CA GLU A 112 14.82 -13.09 17.11
C GLU A 112 14.88 -14.56 16.70
N LEU A 113 13.81 -15.30 16.93
CA LEU A 113 13.81 -16.71 16.59
C LEU A 113 12.87 -16.94 15.41
N ASP A 114 13.21 -17.90 14.55
CA ASP A 114 12.25 -18.39 13.57
C ASP A 114 11.16 -19.26 14.20
N GLY A 115 10.31 -19.83 13.35
CA GLY A 115 9.16 -20.61 13.81
C GLY A 115 9.55 -21.86 14.57
N HIS A 116 10.74 -22.35 14.31
CA HIS A 116 11.17 -23.61 14.93
C HIS A 116 11.99 -23.38 16.18
N GLY A 117 12.27 -22.12 16.51
CA GLY A 117 12.97 -21.77 17.74
C GLY A 117 14.46 -21.51 17.56
N HIS A 118 14.92 -21.60 16.31
CA HIS A 118 16.31 -21.35 15.97
C HIS A 118 16.57 -19.88 15.68
N ASN A 119 17.81 -19.44 15.83
CA ASN A 119 18.14 -18.05 15.54
C ASN A 119 17.74 -17.71 14.11
N LYS A 120 17.03 -16.60 13.95
CA LYS A 120 16.51 -16.18 12.66
C LYS A 120 17.63 -15.75 11.74
N ILE A 121 18.64 -15.10 12.34
CA ILE A 121 19.76 -14.56 11.58
C ILE A 121 21.07 -15.26 11.95
N LYS A 122 21.80 -15.74 10.93
CA LYS A 122 23.08 -16.46 11.12
C LYS A 122 24.10 -16.04 10.08
N PRO A 123 25.39 -16.03 10.48
CA PRO A 123 26.43 -15.85 9.45
C PRO A 123 26.35 -17.00 8.44
N MET A 124 26.61 -16.73 7.18
CA MET A 124 26.37 -17.73 6.15
C MET A 124 27.33 -18.94 6.27
N LYS A 125 28.54 -18.71 6.79
CA LYS A 125 29.48 -19.81 7.01
C LYS A 125 28.94 -20.79 8.02
N ALA A 126 27.99 -20.36 8.85
CA ALA A 126 27.35 -21.26 9.80
C ALA A 126 25.98 -21.75 9.32
N ALA A 127 25.66 -21.52 8.06
CA ALA A 127 24.34 -21.89 7.57
C ALA A 127 24.40 -22.84 6.37
N ALA A 128 24.40 -24.14 6.66
CA ALA A 128 24.45 -25.15 5.62
C ALA A 128 23.13 -25.23 4.88
N GLY A 129 23.18 -25.14 3.56
CA GLY A 129 24.35 -24.74 2.85
C GLY A 129 23.86 -23.55 2.06
N PHE A 130 23.81 -22.37 2.69
CA PHE A 130 23.43 -21.24 1.89
C PHE A 130 24.62 -20.83 1.04
N HIS A 131 24.34 -20.20 -0.09
CA HIS A 131 25.36 -19.70 -0.98
C HIS A 131 24.76 -18.51 -1.73
N VAL A 132 25.62 -17.71 -2.36
CA VAL A 132 25.17 -16.61 -3.20
C VAL A 132 24.70 -17.13 -4.56
N SER A 133 23.45 -16.89 -4.90
CA SER A 133 22.84 -17.49 -6.08
C SER A 133 22.67 -16.54 -7.26
N ALA A 134 22.76 -15.24 -7.00
CA ALA A 134 22.76 -14.23 -8.07
C ALA A 134 23.30 -12.90 -7.56
N GLY A 135 23.72 -12.04 -8.48
CA GLY A 135 24.28 -10.75 -8.14
C GLY A 135 25.75 -10.87 -7.77
N LYS A 136 26.39 -9.74 -7.51
CA LYS A 136 27.81 -9.75 -7.22
C LYS A 136 28.06 -10.26 -5.82
N ASN A 137 28.86 -11.31 -5.69
CA ASN A 137 29.23 -11.78 -4.35
C ASN A 137 30.20 -10.76 -3.72
N PRO A 138 29.86 -10.27 -2.53
CA PRO A 138 30.73 -9.25 -1.95
C PRO A 138 31.83 -9.82 -1.06
N ILE A 139 31.87 -11.13 -0.82
CA ILE A 139 32.88 -11.71 0.06
C ILE A 139 34.29 -11.40 -0.48
N GLY A 140 35.18 -10.94 0.41
CA GLY A 140 36.54 -10.65 0.00
C GLY A 140 36.72 -9.31 -0.71
N LEU A 141 35.63 -8.61 -1.00
CA LEU A 141 35.76 -7.26 -1.54
C LEU A 141 36.23 -6.25 -0.48
N PRO A 142 36.95 -5.20 -0.93
CA PRO A 142 37.31 -4.11 -0.03
C PRO A 142 36.09 -3.24 0.32
N VAL A 143 36.04 -2.76 1.55
CA VAL A 143 34.96 -1.88 1.96
C VAL A 143 35.52 -0.46 2.08
N ARG A 144 34.85 0.48 1.41
CA ARG A 144 35.32 1.85 1.35
C ARG A 144 34.30 2.81 1.99
N GLY A 145 34.79 3.76 2.79
CA GLY A 145 33.94 4.77 3.43
C GLY A 145 33.68 6.00 2.57
N CYS A 146 32.96 6.98 3.10
CA CYS A 146 32.65 8.20 2.35
C CYS A 146 33.92 9.06 2.13
N ASP A 147 34.94 8.84 2.95
CA ASP A 147 36.24 9.48 2.77
C ASP A 147 37.11 8.78 1.70
N LEU A 148 36.53 7.78 1.03
CA LEU A 148 37.20 7.04 -0.05
C LEU A 148 38.39 6.24 0.45
N GLU A 149 38.48 6.07 1.77
CA GLU A 149 39.49 5.24 2.39
C GLU A 149 38.97 3.83 2.62
N ILE A 150 39.82 2.82 2.47
CA ILE A 150 39.42 1.45 2.73
C ILE A 150 39.32 1.21 4.23
N ALA A 151 38.24 0.58 4.69
CA ALA A 151 38.03 0.39 6.11
C ALA A 151 38.24 -1.07 6.52
N GLY A 152 38.18 -1.97 5.55
CA GLY A 152 38.35 -3.38 5.82
C GLY A 152 37.86 -4.21 4.65
N LYS A 153 37.70 -5.53 4.86
CA LYS A 153 37.16 -6.37 3.77
C LYS A 153 36.03 -7.29 4.25
N VAL A 154 35.07 -7.55 3.35
CA VAL A 154 33.91 -8.40 3.64
C VAL A 154 34.33 -9.84 3.84
N VAL A 155 34.01 -10.38 5.01
CA VAL A 155 34.42 -11.75 5.33
C VAL A 155 33.27 -12.74 5.39
N ASP A 156 32.03 -12.26 5.49
CA ASP A 156 30.89 -13.17 5.49
C ASP A 156 29.59 -12.41 5.22
N ILE A 157 28.50 -13.14 4.99
CA ILE A 157 27.18 -12.54 4.88
C ILE A 157 26.34 -13.11 5.99
N TRP A 158 25.60 -12.27 6.71
CA TRP A 158 24.64 -12.76 7.70
C TRP A 158 23.26 -12.85 7.05
N VAL A 159 22.66 -14.03 7.12
CA VAL A 159 21.44 -14.25 6.35
C VAL A 159 20.24 -14.48 7.25
N ASP A 160 19.12 -13.94 6.80
CA ASP A 160 17.81 -14.19 7.41
C ASP A 160 17.34 -15.49 6.82
N ILE A 161 17.41 -16.55 7.61
CA ILE A 161 17.23 -17.89 7.05
C ILE A 161 15.80 -18.21 6.55
N PRO A 162 14.75 -18.00 7.37
CA PRO A 162 13.38 -18.24 6.84
C PRO A 162 13.04 -17.45 5.57
N GLU A 163 13.51 -16.20 5.48
CA GLU A 163 13.25 -15.30 4.35
C GLU A 163 14.28 -15.49 3.24
N GLN A 164 15.31 -16.26 3.54
CA GLN A 164 16.48 -16.46 2.66
C GLN A 164 17.00 -15.14 2.07
N MET A 165 17.37 -14.26 2.98
CA MET A 165 17.73 -12.88 2.68
C MET A 165 19.04 -12.43 3.34
N ALA A 166 19.88 -11.75 2.57
CA ALA A 166 21.08 -11.11 3.12
C ALA A 166 20.71 -9.89 3.96
N ARG A 167 21.09 -9.88 5.23
CA ARG A 167 20.75 -8.74 6.09
C ARG A 167 21.96 -7.94 6.56
N PHE A 168 23.10 -8.58 6.76
CA PHE A 168 24.31 -7.85 7.12
C PHE A 168 25.51 -8.34 6.35
N LEU A 169 26.43 -7.43 6.06
CA LEU A 169 27.80 -7.83 5.72
C LEU A 169 28.65 -7.84 6.99
N GLU A 170 29.44 -8.89 7.19
CA GLU A 170 30.40 -8.86 8.29
C GLU A 170 31.72 -8.37 7.74
N VAL A 171 32.26 -7.32 8.34
CA VAL A 171 33.44 -6.64 7.78
C VAL A 171 34.62 -6.74 8.73
N GLU A 172 35.77 -7.15 8.22
CA GLU A 172 36.95 -7.26 9.06
C GLU A 172 37.75 -5.96 8.99
N LEU A 173 38.07 -5.38 10.14
CA LEU A 173 38.77 -4.11 10.19
C LEU A 173 40.30 -4.37 10.21
N LYS A 174 41.09 -3.32 10.04
CA LYS A 174 42.54 -3.43 10.05
C LYS A 174 43.02 -4.14 11.33
N ASP A 175 42.32 -3.92 12.45
CA ASP A 175 42.79 -4.51 13.72
C ASP A 175 42.39 -5.97 13.89
N GLY A 176 41.80 -6.57 12.86
CA GLY A 176 41.45 -7.99 12.92
C GLY A 176 40.05 -8.30 13.42
N SER A 177 39.47 -7.41 14.24
CA SER A 177 38.09 -7.61 14.68
C SER A 177 37.08 -7.33 13.54
N THR A 178 35.82 -7.70 13.75
CA THR A 178 34.81 -7.47 12.71
C THR A 178 33.63 -6.62 13.16
N ARG A 179 32.90 -6.09 12.18
CA ARG A 179 31.66 -5.37 12.44
C ARG A 179 30.57 -5.78 11.46
N LEU A 180 29.31 -5.63 11.87
CA LEU A 180 28.18 -5.87 10.97
C LEU A 180 27.70 -4.56 10.32
N LEU A 181 27.42 -4.63 9.02
CA LEU A 181 26.86 -3.52 8.26
C LEU A 181 25.50 -3.89 7.70
N PRO A 182 24.48 -3.06 7.97
CA PRO A 182 23.17 -3.34 7.40
C PRO A 182 23.26 -3.40 5.89
N MET A 183 22.66 -4.44 5.32
CA MET A 183 22.72 -4.64 3.88
C MET A 183 22.07 -3.44 3.15
N GLN A 184 21.13 -2.77 3.82
CA GLN A 184 20.39 -1.66 3.22
C GLN A 184 21.21 -0.38 3.11
N MET A 185 22.32 -0.33 3.83
CA MET A 185 23.12 0.90 3.89
C MET A 185 24.42 0.78 3.11
N VAL A 186 24.53 -0.27 2.30
CA VAL A 186 25.71 -0.46 1.48
C VAL A 186 25.40 -0.56 0.01
N LYS A 187 26.41 -0.28 -0.80
CA LYS A 187 26.25 -0.34 -2.22
C LYS A 187 27.28 -1.32 -2.76
N VAL A 188 26.83 -2.48 -3.22
CA VAL A 188 27.80 -3.46 -3.70
C VAL A 188 28.17 -3.16 -5.13
N GLN A 189 29.45 -2.90 -5.38
CA GLN A 189 29.91 -2.65 -6.74
C GLN A 189 30.78 -3.79 -7.26
N SER A 190 31.24 -3.66 -8.50
CA SER A 190 31.99 -4.75 -9.15
C SER A 190 33.30 -5.04 -8.44
N ASN A 191 33.95 -4.01 -7.92
CA ASN A 191 35.27 -4.17 -7.29
C ASN A 191 35.36 -3.73 -5.83
N ARG A 192 34.26 -3.26 -5.25
CA ARG A 192 34.26 -2.85 -3.84
C ARG A 192 32.88 -2.72 -3.27
N VAL A 193 32.82 -2.59 -1.95
CA VAL A 193 31.59 -2.22 -1.29
C VAL A 193 31.74 -0.75 -0.86
N HIS A 194 30.77 0.07 -1.22
CA HIS A 194 30.86 1.47 -0.86
C HIS A 194 29.84 1.79 0.23
N VAL A 195 30.30 2.45 1.29
CA VAL A 195 29.43 2.86 2.39
C VAL A 195 29.40 4.38 2.54
N ASN A 196 28.33 5.02 2.08
CA ASN A 196 28.21 6.47 2.20
C ASN A 196 28.03 7.05 3.60
N ALA A 197 27.42 6.27 4.51
CA ALA A 197 27.06 6.81 5.82
C ALA A 197 28.25 7.03 6.74
N LEU A 198 29.36 6.32 6.50
CA LEU A 198 30.47 6.36 7.44
C LEU A 198 31.80 6.65 6.79
N SER A 199 32.63 7.43 7.46
CA SER A 199 34.04 7.50 7.09
C SER A 199 34.78 6.29 7.68
N SER A 200 35.85 5.89 6.99
CA SER A 200 36.61 4.69 7.33
C SER A 200 37.04 4.60 8.78
N ASP A 201 37.25 5.73 9.45
CA ASP A 201 37.68 5.67 10.84
C ASP A 201 36.50 5.70 11.78
N LEU A 202 35.29 5.69 11.25
CA LEU A 202 34.14 5.57 12.12
C LEU A 202 33.62 4.13 12.18
N PHE A 203 34.12 3.25 11.31
CA PHE A 203 33.67 1.86 11.37
C PHE A 203 33.97 1.23 12.71
N ALA A 204 35.09 1.62 13.31
CA ALA A 204 35.53 0.99 14.55
C ALA A 204 34.52 1.23 15.68
N GLY A 205 33.80 2.33 15.61
CA GLY A 205 32.85 2.66 16.64
C GLY A 205 31.48 2.03 16.47
N ILE A 206 31.23 1.36 15.34
CA ILE A 206 30.06 0.52 15.22
C ILE A 206 30.03 -0.43 16.42
N PRO A 207 28.88 -0.51 17.11
CA PRO A 207 28.83 -1.41 18.27
C PRO A 207 29.17 -2.86 17.92
N THR A 208 29.77 -3.55 18.87
CA THR A 208 30.16 -4.93 18.68
C THR A 208 29.12 -5.88 19.26
N ILE A 209 29.07 -7.08 18.72
CA ILE A 209 28.17 -8.10 19.20
C ILE A 209 28.95 -9.00 20.14
N LYS A 210 28.28 -9.57 21.13
CA LYS A 210 28.97 -10.35 22.14
C LYS A 210 29.06 -11.83 21.80
N SER A 211 28.49 -12.23 20.67
CA SER A 211 28.66 -13.59 20.16
C SER A 211 29.02 -13.56 18.69
N PRO A 212 30.03 -14.32 18.31
CA PRO A 212 30.44 -14.26 16.92
C PRO A 212 29.47 -14.97 15.99
N THR A 213 28.50 -15.69 16.54
CA THR A 213 27.56 -16.39 15.67
C THR A 213 26.09 -15.98 15.79
N GLU A 214 25.80 -15.01 16.64
CA GLU A 214 24.42 -14.56 16.69
C GLU A 214 24.39 -13.06 16.96
N VAL A 215 23.28 -12.42 16.59
CA VAL A 215 23.08 -11.00 16.89
C VAL A 215 21.72 -10.82 17.56
N THR A 216 21.67 -9.98 18.60
CA THR A 216 20.44 -9.79 19.38
C THR A 216 19.66 -8.61 18.83
N LEU A 217 18.38 -8.51 19.22
CA LEU A 217 17.56 -7.40 18.77
C LEU A 217 18.14 -6.05 19.25
N LEU A 218 18.59 -6.02 20.50
CA LEU A 218 19.24 -4.84 21.05
C LEU A 218 20.47 -4.42 20.23
N GLU A 219 21.29 -5.41 19.88
CA GLU A 219 22.48 -5.15 19.10
C GLU A 219 22.13 -4.66 17.69
N GLU A 220 21.09 -5.23 17.08
CA GLU A 220 20.74 -4.79 15.73
C GLU A 220 20.29 -3.33 15.76
N ASP A 221 19.50 -2.94 16.76
CA ASP A 221 19.14 -1.52 16.88
C ASP A 221 20.33 -0.61 17.05
N LYS A 222 21.25 -0.98 17.94
CA LYS A 222 22.47 -0.21 18.15
C LYS A 222 23.30 -0.06 16.87
N ILE A 223 23.51 -1.16 16.17
CA ILE A 223 24.24 -1.16 14.90
C ILE A 223 23.57 -0.32 13.83
N CYS A 224 22.28 -0.54 13.60
CA CYS A 224 21.54 0.15 12.56
C CYS A 224 21.40 1.63 12.87
N GLY A 225 21.11 1.95 14.13
CA GLY A 225 20.96 3.33 14.53
C GLY A 225 22.27 4.09 14.37
N TYR A 226 23.35 3.47 14.77
CA TYR A 226 24.64 4.14 14.66
C TYR A 226 25.01 4.38 13.19
N VAL A 227 24.81 3.39 12.33
CA VAL A 227 25.20 3.54 10.92
C VAL A 227 24.34 4.62 10.25
N ALA A 228 23.04 4.63 10.54
CA ALA A 228 22.14 5.61 9.91
C ALA A 228 22.42 7.04 10.40
N GLY A 229 22.89 7.16 11.64
CA GLY A 229 23.25 8.45 12.22
C GLY A 229 24.45 9.11 11.55
N GLY A 230 25.30 8.28 10.92
CA GLY A 230 26.39 8.76 10.11
C GLY A 230 25.99 9.72 9.00
N LEU A 231 24.79 9.56 8.46
CA LEU A 231 24.35 10.45 7.39
C LEU A 231 24.27 11.90 7.84
N MET A 232 23.86 12.13 9.08
CA MET A 232 23.85 13.50 9.62
C MET A 232 25.18 13.87 10.26
N TYR A 233 25.78 12.96 11.04
CA TYR A 233 26.89 13.29 11.93
C TYR A 233 28.28 12.95 11.41
N ALA A 234 28.37 12.35 10.23
CA ALA A 234 29.66 12.02 9.65
C ALA A 234 29.79 12.71 8.30
N ALA A 235 28.83 13.58 8.00
CA ALA A 235 28.84 14.42 6.81
C ALA A 235 30.08 15.33 6.64
N PRO A 236 30.71 15.80 7.74
CA PRO A 236 31.92 16.61 7.51
C PRO A 236 33.06 15.87 6.77
N LYS A 237 33.09 14.55 6.88
CA LYS A 237 34.18 13.77 6.32
C LYS A 237 33.77 13.14 5.00
N ARG A 238 32.63 13.61 4.48
CA ARG A 238 32.04 13.05 3.28
C ARG A 238 32.55 13.96 2.12
N LYS A 239 33.40 13.36 1.31
CA LYS A 239 34.51 13.93 0.59
C LYS A 239 34.13 14.76 -0.62
N SER A 240 34.53 16.04 -0.50
CA SER A 240 34.10 17.21 -1.25
C SER A 240 33.73 16.98 -2.71
N ALA B 1 2.22 16.62 24.69
CA ALA B 1 2.90 17.17 23.53
C ALA B 1 3.83 16.17 22.84
N LEU B 2 4.46 15.27 23.60
CA LEU B 2 5.38 14.25 23.07
C LEU B 2 4.92 12.80 23.31
N LEU B 3 5.13 11.91 22.32
CA LEU B 3 5.07 10.48 22.59
C LEU B 3 6.16 10.13 23.60
N SER B 4 6.00 9.02 24.30
CA SER B 4 6.91 8.65 25.38
C SER B 4 8.33 8.40 24.88
N PHE B 5 8.47 8.01 23.61
CA PHE B 5 9.79 7.71 23.06
C PHE B 5 10.36 8.82 22.14
N GLU B 6 9.70 9.97 22.10
CA GLU B 6 9.93 10.94 21.03
C GLU B 6 11.13 11.86 21.25
N ARG B 7 11.38 12.21 22.50
CA ARG B 7 12.34 13.27 22.83
C ARG B 7 13.72 13.03 22.20
N LYS B 8 14.21 11.80 22.25
CA LYS B 8 15.56 11.51 21.79
C LYS B 8 15.76 11.74 20.30
N TYR B 9 14.67 11.98 19.58
CA TYR B 9 14.71 12.22 18.13
C TYR B 9 14.57 13.70 17.77
N ARG B 10 14.01 14.50 18.69
CA ARG B 10 13.76 15.91 18.42
C ARG B 10 15.07 16.72 18.57
N VAL B 11 16.00 16.49 17.65
CA VAL B 11 17.30 17.13 17.61
C VAL B 11 17.36 18.17 16.49
N PRO B 12 18.33 19.09 16.54
CA PRO B 12 18.45 20.05 15.42
C PRO B 12 19.11 19.43 14.20
N GLY B 13 18.87 19.97 13.01
CA GLY B 13 19.54 19.44 11.83
C GLY B 13 18.60 18.83 10.80
N GLY B 14 19.07 18.73 9.56
CA GLY B 14 18.31 18.09 8.51
C GLY B 14 17.63 19.06 7.56
N THR B 15 17.59 20.35 7.91
CA THR B 15 16.87 21.29 7.07
C THR B 15 17.62 21.49 5.76
N LEU B 16 16.87 21.72 4.69
CA LEU B 16 17.42 21.99 3.38
C LEU B 16 17.69 23.48 3.20
N VAL B 17 16.90 24.30 3.88
CA VAL B 17 16.87 25.74 3.69
C VAL B 17 16.59 26.42 5.01
N GLY B 18 17.35 27.44 5.36
CA GLY B 18 17.06 28.26 6.52
C GLY B 18 17.83 27.88 7.76
N GLY B 19 18.67 26.85 7.66
CA GLY B 19 19.43 26.40 8.80
C GLY B 19 18.51 26.11 9.96
N ASN B 20 18.73 26.79 11.08
CA ASN B 20 17.97 26.47 12.29
C ASN B 20 16.82 27.44 12.54
N LEU B 21 16.48 28.26 11.56
CA LEU B 21 15.55 29.34 11.82
C LEU B 21 14.12 28.82 11.89
N PHE B 22 13.79 27.81 11.08
CA PHE B 22 12.45 27.24 11.13
C PHE B 22 12.46 25.82 11.71
N ASP B 23 13.56 25.47 12.38
CA ASP B 23 13.76 24.12 12.83
C ASP B 23 13.12 23.97 14.20
N PHE B 24 11.80 23.77 14.21
CA PHE B 24 11.04 23.60 15.43
C PHE B 24 9.67 23.03 15.13
N TRP B 25 8.97 22.66 16.21
CA TRP B 25 7.65 22.04 16.14
C TRP B 25 6.57 22.96 16.69
N VAL B 26 5.34 22.76 16.24
CA VAL B 26 4.16 23.36 16.84
C VAL B 26 3.24 22.22 17.22
N GLY B 27 3.13 21.92 18.50
CA GLY B 27 2.45 20.69 18.89
C GLY B 27 3.20 19.51 18.31
N PRO B 28 2.48 18.61 17.64
CA PRO B 28 3.10 17.44 17.02
C PRO B 28 3.74 17.78 15.67
N PHE B 29 3.29 18.88 15.06
CA PHE B 29 3.69 19.25 13.71
C PHE B 29 5.13 19.78 13.61
N TYR B 30 5.93 19.22 12.71
CA TYR B 30 7.21 19.84 12.40
C TYR B 30 6.99 20.96 11.40
N VAL B 31 7.74 22.04 11.56
CA VAL B 31 7.53 23.19 10.69
C VAL B 31 8.54 23.19 9.57
N GLY B 32 9.75 23.70 9.82
CA GLY B 32 10.71 23.93 8.76
C GLY B 32 10.27 25.01 7.78
N PHE B 33 11.19 25.43 6.92
CA PHE B 33 10.87 26.42 5.90
C PHE B 33 9.67 26.00 5.03
N PHE B 34 9.62 24.73 4.65
CA PHE B 34 8.56 24.30 3.76
C PHE B 34 7.24 24.12 4.48
N GLY B 35 7.29 24.03 5.80
CA GLY B 35 6.08 24.13 6.59
C GLY B 35 5.51 25.53 6.47
N VAL B 36 6.39 26.54 6.53
CA VAL B 36 5.96 27.92 6.40
C VAL B 36 5.41 28.18 4.98
N ALA B 37 6.15 27.73 3.97
CA ALA B 37 5.67 27.87 2.59
C ALA B 37 4.32 27.14 2.38
N THR B 38 4.18 25.95 2.96
CA THR B 38 2.94 25.19 2.78
C THR B 38 1.77 26.00 3.30
N PHE B 39 1.98 26.53 4.49
CA PHE B 39 0.99 27.33 5.17
C PHE B 39 0.57 28.55 4.36
N PHE B 40 1.56 29.21 3.78
CA PHE B 40 1.33 30.41 3.02
C PHE B 40 0.57 30.15 1.70
N PHE B 41 0.93 29.10 1.00
CA PHE B 41 0.14 28.73 -0.19
C PHE B 41 -1.27 28.26 0.18
N ALA B 42 -1.38 27.48 1.25
CA ALA B 42 -2.69 27.01 1.68
C ALA B 42 -3.59 28.16 2.15
N ALA B 43 -3.03 29.09 2.91
CA ALA B 43 -3.78 30.23 3.42
C ALA B 43 -4.35 31.07 2.27
N LEU B 44 -3.47 31.45 1.36
CA LEU B 44 -3.84 32.24 0.20
C LEU B 44 -4.85 31.50 -0.69
N GLY B 45 -4.62 30.20 -0.90
CA GLY B 45 -5.46 29.41 -1.77
C GLY B 45 -6.86 29.28 -1.22
N ILE B 46 -6.95 29.22 0.11
CA ILE B 46 -8.25 29.10 0.78
C ILE B 46 -9.00 30.42 0.79
N ILE B 47 -8.26 31.52 0.90
CA ILE B 47 -8.83 32.86 0.80
C ILE B 47 -9.46 33.10 -0.58
N LEU B 48 -8.74 32.75 -1.64
CA LEU B 48 -9.25 32.89 -3.00
C LEU B 48 -10.51 32.08 -3.25
N ILE B 49 -10.58 30.90 -2.65
CA ILE B 49 -11.76 30.05 -2.72
C ILE B 49 -12.95 30.73 -2.04
N ALA B 50 -12.67 31.40 -0.92
CA ALA B 50 -13.68 32.18 -0.23
C ALA B 50 -14.10 33.39 -1.07
N TRP B 51 -13.11 34.05 -1.68
CA TRP B 51 -13.33 35.24 -2.50
C TRP B 51 -14.24 34.87 -3.67
N SER B 52 -14.02 33.67 -4.16
CA SER B 52 -14.76 33.14 -5.30
C SER B 52 -16.16 32.72 -4.88
N ALA B 53 -16.28 32.24 -3.64
CA ALA B 53 -17.59 31.85 -3.12
C ALA B 53 -18.49 33.07 -2.96
N VAL B 54 -17.90 34.19 -2.55
CA VAL B 54 -18.60 35.47 -2.50
C VAL B 54 -19.11 35.90 -3.90
N LEU B 55 -18.25 35.79 -4.91
CA LEU B 55 -18.66 36.09 -6.28
C LEU B 55 -19.79 35.17 -6.75
N GLN B 56 -19.85 33.96 -6.20
CA GLN B 56 -20.85 33.01 -6.64
C GLN B 56 -22.17 33.17 -5.87
N GLY B 57 -22.09 33.76 -4.69
CA GLY B 57 -23.30 34.05 -3.93
C GLY B 57 -23.74 32.99 -2.94
N THR B 58 -23.02 31.89 -2.85
CA THR B 58 -23.38 30.85 -1.89
C THR B 58 -22.25 30.54 -0.91
N TRP B 59 -22.60 29.99 0.24
CA TRP B 59 -21.63 29.47 1.19
C TRP B 59 -21.88 28.00 1.49
N ASN B 60 -22.76 27.40 0.70
CA ASN B 60 -22.98 25.97 0.72
C ASN B 60 -21.79 25.29 0.05
N PRO B 61 -21.02 24.52 0.84
CA PRO B 61 -19.80 23.90 0.32
C PRO B 61 -20.07 22.96 -0.85
N GLN B 62 -21.27 22.40 -0.95
CA GLN B 62 -21.52 21.51 -2.06
C GLN B 62 -22.06 22.24 -3.29
N LEU B 63 -22.13 23.56 -3.24
CA LEU B 63 -22.48 24.31 -4.45
C LEU B 63 -21.28 25.10 -4.98
N ILE B 64 -20.38 25.48 -4.09
CA ILE B 64 -19.21 26.25 -4.48
C ILE B 64 -18.44 25.57 -5.61
N SER B 65 -18.11 26.33 -6.63
CA SER B 65 -17.41 25.77 -7.78
C SER B 65 -16.64 26.82 -8.54
N VAL B 66 -15.32 26.67 -8.53
CA VAL B 66 -14.43 27.59 -9.20
C VAL B 66 -14.10 27.05 -10.58
N TYR B 67 -14.63 27.63 -11.66
CA TYR B 67 -14.25 27.05 -12.95
C TYR B 67 -13.05 27.75 -13.59
N PRO B 68 -12.39 27.03 -14.51
CA PRO B 68 -11.29 27.58 -15.30
C PRO B 68 -11.82 28.42 -16.45
N PRO B 69 -10.92 29.15 -17.15
CA PRO B 69 -11.37 30.05 -18.20
C PRO B 69 -12.04 29.31 -19.35
N ALA B 70 -12.95 29.98 -20.04
CA ALA B 70 -13.55 29.48 -21.27
C ALA B 70 -12.46 29.13 -22.27
N LEU B 71 -12.78 28.18 -23.15
CA LEU B 71 -11.87 27.73 -24.19
C LEU B 71 -11.32 28.87 -25.03
N GLU B 72 -12.19 29.84 -25.37
CA GLU B 72 -11.79 30.97 -26.19
C GLU B 72 -10.60 31.71 -25.61
N TYR B 73 -10.39 31.62 -24.29
CA TYR B 73 -9.18 32.21 -23.73
C TYR B 73 -7.91 31.47 -24.08
N GLY B 74 -8.02 30.28 -24.65
CA GLY B 74 -6.85 29.46 -24.88
C GLY B 74 -6.04 29.39 -23.59
N LEU B 75 -4.75 29.74 -23.70
CA LEU B 75 -3.80 29.61 -22.60
C LEU B 75 -3.42 30.91 -21.93
N GLY B 76 -4.23 31.95 -22.08
CA GLY B 76 -3.88 33.23 -21.53
C GLY B 76 -4.49 33.51 -20.15
N GLY B 77 -4.07 34.60 -19.55
CA GLY B 77 -4.64 35.02 -18.28
C GLY B 77 -6.10 35.36 -18.50
N ALA B 78 -6.93 35.13 -17.48
CA ALA B 78 -8.34 35.43 -17.57
C ALA B 78 -8.67 36.32 -16.40
N PRO B 79 -9.74 37.12 -16.53
CA PRO B 79 -10.15 37.95 -15.40
C PRO B 79 -10.53 37.06 -14.21
N LEU B 80 -10.15 37.48 -13.00
CA LEU B 80 -10.45 36.77 -11.75
C LEU B 80 -11.80 36.05 -11.72
N ALA B 81 -12.87 36.77 -12.04
CA ALA B 81 -14.20 36.17 -11.94
C ALA B 81 -14.52 35.27 -13.13
N LYS B 82 -13.70 35.34 -14.18
CA LYS B 82 -13.97 34.59 -15.42
C LYS B 82 -12.90 33.52 -15.71
N GLY B 83 -12.32 32.97 -14.65
CA GLY B 83 -11.36 31.90 -14.78
C GLY B 83 -10.03 32.21 -14.14
N GLY B 84 -9.84 33.45 -13.69
CA GLY B 84 -8.56 33.89 -13.17
C GLY B 84 -8.25 33.41 -11.75
N LEU B 85 -9.29 33.33 -10.92
CA LEU B 85 -9.18 32.71 -9.61
C LEU B 85 -8.76 31.24 -9.73
N TRP B 86 -9.38 30.50 -10.64
CA TRP B 86 -8.99 29.13 -10.89
C TRP B 86 -7.49 29.04 -11.19
N GLN B 87 -7.00 29.91 -12.06
CA GLN B 87 -5.58 29.94 -12.39
C GLN B 87 -4.69 30.20 -11.18
N ILE B 88 -5.09 31.14 -10.34
CA ILE B 88 -4.26 31.49 -9.19
C ILE B 88 -4.29 30.37 -8.15
N ILE B 89 -5.48 29.84 -7.92
CA ILE B 89 -5.67 28.74 -6.98
C ILE B 89 -4.86 27.51 -7.40
N THR B 90 -4.79 27.27 -8.71
CA THR B 90 -3.99 26.16 -9.22
C THR B 90 -2.52 26.38 -8.93
N ILE B 91 -2.06 27.63 -9.07
CA ILE B 91 -0.68 27.94 -8.72
C ILE B 91 -0.40 27.66 -7.25
N CYS B 92 -1.29 28.13 -6.39
CA CYS B 92 -1.19 27.91 -4.95
C CYS B 92 -1.18 26.43 -4.55
N ALA B 93 -2.13 25.67 -5.11
CA ALA B 93 -2.24 24.26 -4.81
C ALA B 93 -0.94 23.55 -5.20
N THR B 94 -0.43 23.87 -6.38
CA THR B 94 0.85 23.31 -6.80
C THR B 94 1.96 23.72 -5.83
N GLY B 95 1.94 24.96 -5.38
CA GLY B 95 2.91 25.42 -4.42
C GLY B 95 2.80 24.62 -3.13
N ALA B 96 1.57 24.39 -2.68
CA ALA B 96 1.36 23.67 -1.43
C ALA B 96 1.76 22.19 -1.54
N PHE B 97 1.41 21.54 -2.64
CA PHE B 97 1.69 20.13 -2.81
C PHE B 97 3.20 19.91 -2.82
N VAL B 98 3.90 20.71 -3.62
CA VAL B 98 5.35 20.60 -3.72
C VAL B 98 6.04 20.93 -2.38
N SER B 99 5.59 21.96 -1.68
CA SER B 99 6.13 22.29 -0.36
C SER B 99 5.96 21.15 0.62
N TRP B 100 4.79 20.51 0.56
CA TRP B 100 4.47 19.41 1.44
C TRP B 100 5.48 18.30 1.25
N ALA B 101 5.83 18.04 0.00
CA ALA B 101 6.79 16.98 -0.31
C ALA B 101 8.20 17.29 0.21
N LEU B 102 8.63 18.55 0.10
CA LEU B 102 9.98 18.93 0.51
C LEU B 102 10.09 19.00 2.02
N ARG B 103 8.97 19.31 2.68
CA ARG B 103 8.90 19.21 4.13
C ARG B 103 9.10 17.74 4.57
N GLU B 104 8.48 16.81 3.84
CA GLU B 104 8.68 15.39 4.10
C GLU B 104 10.15 15.01 3.94
N VAL B 105 10.82 15.58 2.94
CA VAL B 105 12.26 15.31 2.78
C VAL B 105 13.07 15.81 4.00
N GLU B 106 12.76 17.01 4.47
CA GLU B 106 13.46 17.52 5.66
C GLU B 106 13.24 16.61 6.86
N ILE B 107 12.02 16.12 7.02
CA ILE B 107 11.72 15.22 8.12
C ILE B 107 12.47 13.89 7.97
N CYS B 108 12.52 13.34 6.76
CA CYS B 108 13.32 12.14 6.49
C CYS B 108 14.77 12.30 6.95
N ARG B 109 15.36 13.46 6.66
CA ARG B 109 16.76 13.75 6.99
C ARG B 109 16.96 13.80 8.49
N LYS B 110 16.08 14.50 9.20
CA LYS B 110 16.20 14.60 10.64
C LYS B 110 16.10 13.22 11.30
N LEU B 111 15.25 12.34 10.76
CA LEU B 111 15.05 10.99 11.33
C LEU B 111 15.97 9.90 10.80
N GLY B 112 16.78 10.18 9.78
CA GLY B 112 17.71 9.19 9.29
C GLY B 112 17.10 8.07 8.44
N ILE B 113 15.94 8.33 7.83
CA ILE B 113 15.29 7.30 7.01
C ILE B 113 15.34 7.60 5.51
N GLY B 114 15.05 6.59 4.68
CA GLY B 114 14.99 6.75 3.24
C GLY B 114 13.94 7.76 2.77
N TYR B 115 14.01 8.14 1.50
CA TYR B 115 13.17 9.20 0.96
C TYR B 115 11.97 8.66 0.19
N HIS B 116 11.61 7.41 0.43
CA HIS B 116 10.57 6.76 -0.35
C HIS B 116 9.22 7.45 -0.30
N ILE B 117 8.85 8.00 0.86
CA ILE B 117 7.52 8.56 1.02
C ILE B 117 7.29 9.82 0.14
N PRO B 118 8.21 10.84 0.20
CA PRO B 118 7.98 11.97 -0.70
C PRO B 118 8.15 11.60 -2.15
N PHE B 119 9.04 10.64 -2.43
CA PHE B 119 9.13 10.07 -3.78
C PHE B 119 7.79 9.52 -4.26
N ALA B 120 7.14 8.70 -3.43
CA ALA B 120 5.86 8.12 -3.79
C ALA B 120 4.78 9.20 -3.93
N PHE B 121 4.78 10.18 -3.03
CA PHE B 121 3.81 11.30 -3.10
C PHE B 121 3.94 12.13 -4.38
N ALA B 122 5.15 12.19 -4.94
CA ALA B 122 5.40 12.92 -6.19
C ALA B 122 4.56 12.36 -7.34
N PHE B 123 4.26 11.06 -7.36
CA PHE B 123 3.39 10.54 -8.40
C PHE B 123 1.97 11.08 -8.28
N ALA B 124 1.47 11.28 -7.07
CA ALA B 124 0.13 11.83 -6.96
C ALA B 124 0.16 13.26 -7.50
N ILE B 125 1.24 14.00 -7.24
CA ILE B 125 1.41 15.36 -7.75
C ILE B 125 1.51 15.35 -9.29
N LEU B 126 2.31 14.43 -9.83
CA LEU B 126 2.39 14.22 -11.28
C LEU B 126 1.01 14.03 -11.91
N ALA B 127 0.19 13.19 -11.28
CA ALA B 127 -1.16 12.93 -11.76
C ALA B 127 -2.03 14.19 -11.74
N TYR B 128 -1.93 15.00 -10.69
CA TYR B 128 -2.65 16.27 -10.63
C TYR B 128 -2.23 17.22 -11.75
N LEU B 129 -0.92 17.38 -11.93
CA LEU B 129 -0.38 18.27 -12.97
C LEU B 129 -0.72 17.79 -14.38
N THR B 130 -0.82 16.49 -14.57
CA THR B 130 -1.29 15.95 -15.84
C THR B 130 -2.70 16.46 -16.19
N LEU B 131 -3.56 16.61 -15.18
CA LEU B 131 -4.92 17.03 -15.47
C LEU B 131 -5.06 18.55 -15.59
N VAL B 132 -4.28 19.33 -14.85
CA VAL B 132 -4.51 20.77 -14.84
C VAL B 132 -3.49 21.55 -15.66
N LEU B 133 -2.43 20.90 -16.08
CA LEU B 133 -1.35 21.62 -16.74
C LEU B 133 -0.88 20.94 -18.01
N PHE B 134 -0.32 19.74 -17.90
CA PHE B 134 0.26 19.07 -19.04
C PHE B 134 -0.77 18.91 -20.17
N ARG B 135 -1.92 18.34 -19.83
CA ARG B 135 -2.93 18.04 -20.84
C ARG B 135 -3.59 19.32 -21.38
N PRO B 136 -4.03 20.23 -20.49
CA PRO B 136 -4.58 21.48 -21.03
C PRO B 136 -3.62 22.24 -21.95
N VAL B 137 -2.35 22.33 -21.58
CA VAL B 137 -1.36 22.99 -22.42
C VAL B 137 -1.20 22.31 -23.79
N MET B 138 -1.16 20.98 -23.80
CA MET B 138 -1.05 20.23 -25.05
C MET B 138 -2.30 20.35 -25.93
N MET B 139 -3.43 20.66 -25.31
CA MET B 139 -4.68 20.80 -26.07
C MET B 139 -4.90 22.27 -26.40
N GLY B 140 -4.16 23.13 -25.74
CA GLY B 140 -4.15 24.55 -26.07
C GLY B 140 -5.21 25.40 -25.40
N ALA B 141 -5.69 25.00 -24.23
CA ALA B 141 -6.60 25.86 -23.47
C ALA B 141 -6.74 25.38 -22.05
N TRP B 142 -6.77 26.32 -21.11
CA TRP B 142 -6.94 25.99 -19.71
C TRP B 142 -8.31 25.37 -19.47
N GLY B 143 -9.27 25.69 -20.32
CA GLY B 143 -10.64 25.24 -20.12
C GLY B 143 -10.83 23.74 -20.23
N TYR B 144 -9.80 23.02 -20.63
CA TYR B 144 -9.91 21.57 -20.63
C TYR B 144 -9.63 20.96 -19.25
N ALA B 145 -9.10 21.77 -18.34
CA ALA B 145 -8.85 21.34 -16.97
C ALA B 145 -10.16 21.21 -16.20
N PHE B 146 -10.12 20.61 -15.02
CA PHE B 146 -11.36 20.34 -14.28
C PHE B 146 -11.64 21.46 -13.28
N PRO B 147 -12.93 21.73 -13.04
CA PRO B 147 -13.35 22.75 -12.07
C PRO B 147 -13.13 22.31 -10.63
N TYR B 148 -12.94 23.26 -9.73
CA TYR B 148 -12.76 22.92 -8.32
C TYR B 148 -14.11 23.09 -7.63
N GLY B 149 -14.87 21.99 -7.63
CA GLY B 149 -16.13 21.88 -6.92
C GLY B 149 -16.42 20.41 -6.67
N ILE B 150 -17.13 20.13 -5.57
CA ILE B 150 -17.32 18.76 -5.13
C ILE B 150 -18.11 17.95 -6.12
N TRP B 151 -19.20 18.50 -6.66
CA TRP B 151 -19.99 17.72 -7.60
C TRP B 151 -19.63 18.06 -9.04
N THR B 152 -19.24 19.31 -9.28
CA THR B 152 -18.90 19.72 -10.64
C THR B 152 -17.67 19.01 -11.20
N HIS B 153 -16.72 18.61 -10.35
CA HIS B 153 -15.56 17.92 -10.94
C HIS B 153 -15.98 16.50 -11.32
N LEU B 154 -17.03 15.98 -10.70
CA LEU B 154 -17.59 14.69 -11.11
C LEU B 154 -18.29 14.76 -12.48
N ASP B 155 -19.11 15.80 -12.68
CA ASP B 155 -19.65 16.13 -14.01
C ASP B 155 -18.54 16.23 -15.05
N TRP B 156 -17.44 16.91 -14.72
CA TRP B 156 -16.32 17.01 -15.63
C TRP B 156 -15.79 15.63 -16.04
N VAL B 157 -15.62 14.75 -15.07
CA VAL B 157 -15.19 13.37 -15.34
C VAL B 157 -16.15 12.69 -16.30
N SER B 158 -17.42 12.80 -15.99
CA SER B 158 -18.47 12.20 -16.80
C SER B 158 -18.44 12.78 -18.23
N ASN B 159 -18.43 14.12 -18.36
CA ASN B 159 -18.39 14.79 -19.66
C ASN B 159 -17.18 14.43 -20.49
N THR B 160 -16.01 14.54 -19.89
CA THR B 160 -14.76 14.17 -20.54
C THR B 160 -14.77 12.72 -21.04
N GLY B 161 -15.22 11.81 -20.20
CA GLY B 161 -15.20 10.40 -20.56
C GLY B 161 -16.08 10.10 -21.76
N TYR B 162 -17.31 10.59 -21.72
CA TYR B 162 -18.27 10.27 -22.77
C TYR B 162 -17.94 11.00 -24.08
N THR B 163 -17.12 12.04 -24.01
CA THR B 163 -16.57 12.61 -25.23
C THR B 163 -15.86 11.55 -26.05
N TYR B 164 -15.27 10.54 -25.43
CA TYR B 164 -14.70 9.52 -26.31
C TYR B 164 -15.44 8.20 -26.19
N GLY B 165 -16.78 8.30 -26.15
CA GLY B 165 -17.62 7.12 -26.10
C GLY B 165 -17.61 6.49 -24.71
N ASN B 166 -17.35 5.19 -24.66
CA ASN B 166 -17.15 4.51 -23.39
C ASN B 166 -15.65 4.52 -23.09
N PHE B 167 -15.27 5.15 -21.99
CA PHE B 167 -13.87 5.41 -21.74
C PHE B 167 -13.19 4.12 -21.24
N HIS B 168 -14.02 3.14 -20.87
CA HIS B 168 -13.56 1.79 -20.55
C HIS B 168 -12.61 1.22 -21.60
N TYR B 169 -12.81 1.60 -22.86
CA TYR B 169 -12.04 1.02 -23.97
C TYR B 169 -10.64 1.60 -24.15
N ASN B 170 -10.35 2.69 -23.45
CA ASN B 170 -8.98 3.19 -23.35
C ASN B 170 -8.06 2.11 -22.73
N PRO B 171 -7.11 1.59 -23.52
CA PRO B 171 -6.28 0.47 -23.01
C PRO B 171 -5.34 0.82 -21.84
N ALA B 172 -4.84 2.05 -21.77
CA ALA B 172 -4.04 2.46 -20.61
C ALA B 172 -4.93 2.58 -19.38
N HIS B 173 -6.19 2.87 -19.61
CA HIS B 173 -7.20 2.98 -18.57
C HIS B 173 -7.54 1.58 -17.99
N MET B 174 -7.63 0.59 -18.85
CA MET B 174 -7.77 -0.79 -18.39
C MET B 174 -6.62 -1.21 -17.46
N ILE B 175 -5.40 -0.83 -17.84
CA ILE B 175 -4.21 -1.20 -17.08
C ILE B 175 -4.19 -0.53 -15.71
N ALA B 176 -4.56 0.75 -15.69
CA ALA B 176 -4.64 1.50 -14.46
C ALA B 176 -5.65 0.90 -13.50
N ILE B 177 -6.79 0.49 -14.03
CA ILE B 177 -7.86 -0.06 -13.21
C ILE B 177 -7.39 -1.37 -12.57
N SER B 178 -6.78 -2.22 -13.39
CA SER B 178 -6.22 -3.47 -12.92
C SER B 178 -5.25 -3.30 -11.75
N PHE B 179 -4.46 -2.23 -11.77
CA PHE B 179 -3.57 -1.99 -10.64
C PHE B 179 -4.34 -1.45 -9.43
N PHE B 180 -5.36 -0.63 -9.64
CA PHE B 180 -6.16 -0.18 -8.51
C PHE B 180 -6.86 -1.33 -7.83
N PHE B 181 -7.48 -2.22 -8.62
CA PHE B 181 -8.10 -3.41 -8.06
C PHE B 181 -7.08 -4.33 -7.35
N THR B 182 -5.97 -4.61 -7.99
CA THR B 182 -5.01 -5.57 -7.44
C THR B 182 -4.42 -5.01 -6.16
N ASN B 183 -4.22 -3.70 -6.14
CA ASN B 183 -3.70 -3.04 -4.97
C ASN B 183 -4.63 -3.15 -3.78
N ALA B 184 -5.93 -2.96 -3.96
CA ALA B 184 -6.89 -3.12 -2.87
C ALA B 184 -6.88 -4.59 -2.38
N LEU B 185 -6.79 -5.51 -3.32
CA LEU B 185 -6.69 -6.93 -3.01
C LEU B 185 -5.50 -7.19 -2.09
N ALA B 186 -4.33 -6.69 -2.49
CA ALA B 186 -3.09 -6.95 -1.76
C ALA B 186 -3.06 -6.27 -0.39
N LEU B 187 -3.64 -5.09 -0.29
CA LEU B 187 -3.76 -4.38 0.98
C LEU B 187 -4.63 -5.17 1.98
N ALA B 188 -5.82 -5.61 1.54
CA ALA B 188 -6.65 -6.48 2.35
C ALA B 188 -5.87 -7.72 2.83
N LEU B 189 -5.22 -8.39 1.88
CA LEU B 189 -4.46 -9.59 2.20
C LEU B 189 -3.32 -9.30 3.15
N HIS B 190 -2.60 -8.21 2.93
CA HIS B 190 -1.47 -7.91 3.78
C HIS B 190 -1.92 -7.59 5.21
N GLY B 191 -2.98 -6.77 5.33
CA GLY B 191 -3.55 -6.43 6.61
C GLY B 191 -4.06 -7.67 7.35
N ALA B 192 -4.83 -8.50 6.65
CA ALA B 192 -5.39 -9.71 7.25
C ALA B 192 -4.29 -10.64 7.79
N LEU B 193 -3.22 -10.82 7.00
CA LEU B 193 -2.14 -11.74 7.32
C LEU B 193 -1.38 -11.34 8.59
N VAL B 194 -0.93 -10.11 8.66
CA VAL B 194 -0.26 -9.64 9.86
C VAL B 194 -1.21 -9.76 11.09
N LEU B 195 -2.42 -9.25 10.97
CA LEU B 195 -3.35 -9.32 12.10
C LEU B 195 -3.63 -10.77 12.51
N SER B 196 -3.71 -11.68 11.54
CA SER B 196 -4.05 -13.07 11.86
C SER B 196 -2.88 -13.76 12.55
N ALA B 197 -1.67 -13.25 12.35
CA ALA B 197 -0.49 -13.79 13.03
C ALA B 197 -0.33 -13.19 14.45
N ALA B 198 -0.63 -11.91 14.58
CA ALA B 198 -0.48 -11.20 15.86
C ALA B 198 -1.63 -11.51 16.79
N ASN B 199 -2.77 -11.91 16.23
CA ASN B 199 -3.99 -12.15 16.98
C ASN B 199 -4.52 -13.51 16.58
N PRO B 200 -3.85 -14.57 17.05
CA PRO B 200 -4.16 -15.93 16.59
C PRO B 200 -5.45 -16.43 17.25
N GLU B 201 -5.82 -17.69 17.03
CA GLU B 201 -6.94 -18.23 17.78
C GLU B 201 -6.78 -18.07 19.28
N LYS B 202 -7.91 -17.95 19.97
CA LYS B 202 -7.94 -18.10 21.41
C LYS B 202 -7.20 -19.37 21.86
N GLY B 203 -6.47 -19.25 22.96
CA GLY B 203 -5.71 -20.36 23.51
C GLY B 203 -4.34 -20.55 22.87
N LYS B 204 -3.98 -19.66 21.96
CA LYS B 204 -2.73 -19.77 21.20
C LYS B 204 -1.75 -18.66 21.50
N GLU B 205 -0.47 -18.98 21.37
CA GLU B 205 0.57 -17.97 21.44
C GLU B 205 0.73 -17.29 20.08
N MET B 206 1.17 -16.04 20.12
CA MET B 206 1.42 -15.23 18.95
C MET B 206 2.24 -16.00 17.90
N ARG B 207 1.81 -15.88 16.65
CA ARG B 207 2.40 -16.60 15.55
C ARG B 207 3.70 -15.92 15.09
N THR B 208 4.48 -16.62 14.27
CA THR B 208 5.76 -16.11 13.79
C THR B 208 5.62 -15.70 12.33
N PRO B 209 6.61 -14.96 11.77
CA PRO B 209 6.43 -14.75 10.32
C PRO B 209 6.47 -16.05 9.51
N ASP B 210 7.10 -17.09 10.03
CA ASP B 210 7.11 -18.37 9.33
C ASP B 210 5.67 -18.93 9.14
N HIS B 211 4.76 -18.61 10.05
CA HIS B 211 3.36 -19.01 9.88
C HIS B 211 2.72 -18.27 8.72
N GLU B 212 3.07 -17.00 8.59
CA GLU B 212 2.59 -16.18 7.49
C GLU B 212 2.96 -16.75 6.13
N ASP B 213 4.25 -17.03 5.96
CA ASP B 213 4.80 -17.71 4.80
C ASP B 213 4.09 -19.02 4.52
N THR B 214 3.97 -19.82 5.57
CA THR B 214 3.34 -21.12 5.49
C THR B 214 1.87 -20.98 5.10
N PHE B 215 1.20 -19.96 5.64
CA PHE B 215 -0.18 -19.74 5.24
C PHE B 215 -0.32 -19.47 3.73
N PHE B 216 0.51 -18.60 3.15
CA PHE B 216 0.35 -18.34 1.73
C PHE B 216 0.86 -19.43 0.81
N ARG B 217 1.85 -20.18 1.28
CA ARG B 217 2.31 -21.32 0.53
C ARG B 217 1.23 -22.41 0.49
N ASP B 218 0.63 -22.71 1.64
CA ASP B 218 -0.53 -23.60 1.67
C ASP B 218 -1.67 -23.10 0.78
N LEU B 219 -1.92 -21.79 0.80
CA LEU B 219 -3.12 -21.29 0.13
C LEU B 219 -2.93 -21.19 -1.38
N VAL B 220 -1.80 -20.66 -1.85
CA VAL B 220 -1.60 -20.47 -3.28
C VAL B 220 -0.22 -20.90 -3.78
N GLY B 221 0.58 -21.51 -2.91
CA GLY B 221 1.82 -22.11 -3.36
C GLY B 221 2.97 -21.13 -3.49
N TYR B 222 2.77 -19.90 -3.01
CA TYR B 222 3.87 -18.94 -3.04
C TYR B 222 3.74 -17.87 -1.95
N SER B 223 4.85 -17.57 -1.31
CA SER B 223 4.92 -16.45 -0.39
C SER B 223 5.97 -15.45 -0.85
N ILE B 224 5.57 -14.21 -1.03
CA ILE B 224 6.46 -13.20 -1.55
C ILE B 224 7.41 -12.71 -0.45
N GLY B 225 7.03 -12.90 0.82
CA GLY B 225 7.87 -12.44 1.91
C GLY B 225 7.54 -11.04 2.43
N THR B 226 8.07 -10.74 3.61
CA THR B 226 7.73 -9.52 4.32
C THR B 226 8.32 -8.29 3.64
N LEU B 227 9.53 -8.40 3.10
CA LEU B 227 10.05 -7.26 2.37
C LEU B 227 9.28 -7.12 1.05
N GLY B 228 9.08 -8.24 0.36
CA GLY B 228 8.47 -8.22 -0.95
C GLY B 228 7.07 -7.63 -1.00
N ILE B 229 6.28 -7.85 0.06
CA ILE B 229 4.90 -7.39 0.03
C ILE B 229 4.85 -5.86 0.15
N HIS B 230 5.79 -5.26 0.88
CA HIS B 230 5.85 -3.81 0.95
C HIS B 230 6.40 -3.18 -0.32
N ARG B 231 7.40 -3.82 -0.93
CA ARG B 231 7.82 -3.48 -2.28
C ARG B 231 6.64 -3.54 -3.24
N LEU B 232 5.84 -4.58 -3.11
CA LEU B 232 4.74 -4.78 -4.04
C LEU B 232 3.65 -3.70 -3.92
N GLY B 233 3.27 -3.42 -2.66
CA GLY B 233 2.27 -2.41 -2.40
C GLY B 233 2.64 -1.06 -2.98
N LEU B 234 3.90 -0.68 -2.82
CA LEU B 234 4.40 0.56 -3.37
C LEU B 234 4.32 0.52 -4.89
N LEU B 235 4.76 -0.61 -5.45
CA LEU B 235 4.76 -0.82 -6.90
C LEU B 235 3.35 -0.74 -7.49
N LEU B 236 2.40 -1.44 -6.87
CA LEU B 236 1.03 -1.47 -7.38
C LEU B 236 0.37 -0.09 -7.38
N SER B 237 0.51 0.63 -6.28
CA SER B 237 -0.22 1.88 -6.15
C SER B 237 0.41 2.95 -7.05
N LEU B 238 1.74 3.00 -7.13
CA LEU B 238 2.39 3.96 -8.02
C LEU B 238 2.10 3.63 -9.49
N SER B 239 2.12 2.35 -9.85
CA SER B 239 1.78 1.97 -11.21
C SER B 239 0.33 2.29 -11.56
N ALA B 240 -0.58 2.16 -10.60
CA ALA B 240 -1.96 2.51 -10.91
C ALA B 240 -2.06 4.00 -11.28
N VAL B 241 -1.37 4.84 -10.53
CA VAL B 241 -1.41 6.28 -10.79
C VAL B 241 -0.62 6.63 -12.06
N PHE B 242 0.51 5.96 -12.30
CA PHE B 242 1.29 6.21 -13.50
C PHE B 242 0.46 5.97 -14.77
N PHE B 243 -0.23 4.84 -14.85
CA PHE B 243 -1.05 4.55 -16.02
C PHE B 243 -2.32 5.39 -16.08
N SER B 244 -2.71 5.95 -14.93
CA SER B 244 -3.82 6.87 -14.92
C SER B 244 -3.40 8.14 -15.69
N ALA B 245 -2.26 8.71 -15.30
CA ALA B 245 -1.78 9.91 -15.94
C ALA B 245 -1.57 9.61 -17.41
N LEU B 246 -0.99 8.46 -17.70
CA LEU B 246 -0.76 8.06 -19.08
C LEU B 246 -2.06 8.01 -19.88
N CYS B 247 -3.15 7.47 -19.32
CA CYS B 247 -4.33 7.24 -20.15
C CYS B 247 -5.00 8.57 -20.47
N MET B 248 -4.70 9.61 -19.69
CA MET B 248 -5.29 10.94 -19.93
C MET B 248 -4.39 11.81 -20.78
N ILE B 249 -3.07 11.63 -20.64
CA ILE B 249 -2.15 12.51 -21.35
C ILE B 249 -2.32 12.24 -22.84
N ILE B 250 -2.71 11.02 -23.21
CA ILE B 250 -2.86 10.64 -24.61
C ILE B 250 -4.26 10.92 -25.13
N THR B 251 -5.19 11.22 -24.25
CA THR B 251 -6.57 11.44 -24.68
C THR B 251 -6.80 12.89 -25.06
N GLY B 252 -7.10 13.11 -26.33
CA GLY B 252 -7.34 14.45 -26.86
C GLY B 252 -6.04 15.10 -27.33
N THR B 253 -4.96 14.33 -27.32
CA THR B 253 -3.67 14.83 -27.76
C THR B 253 -3.15 14.04 -28.95
N ILE B 254 -3.08 12.71 -28.83
CA ILE B 254 -2.67 11.88 -29.95
C ILE B 254 -3.78 10.91 -30.34
N TRP B 255 -4.90 10.97 -29.63
CA TRP B 255 -6.07 10.12 -29.94
C TRP B 255 -7.37 10.89 -29.83
N PHE B 256 -8.20 10.91 -30.88
CA PHE B 256 -9.34 11.81 -30.84
C PHE B 256 -10.67 11.12 -31.04
N ASP B 257 -10.66 9.81 -31.24
CA ASP B 257 -11.89 9.13 -31.59
C ASP B 257 -12.48 8.37 -30.41
N GLN B 258 -13.54 7.62 -30.64
CA GLN B 258 -14.05 6.77 -29.61
C GLN B 258 -13.03 5.66 -29.41
N TRP B 259 -12.71 5.38 -28.15
CA TRP B 259 -11.70 4.37 -27.85
C TRP B 259 -12.00 2.94 -28.29
N VAL B 260 -13.27 2.62 -28.52
CA VAL B 260 -13.57 1.29 -29.02
C VAL B 260 -12.92 1.11 -30.40
N ASP B 261 -12.77 2.21 -31.15
CA ASP B 261 -12.16 2.15 -32.49
C ASP B 261 -10.69 1.71 -32.46
N TRP B 262 -9.99 2.04 -31.38
CA TRP B 262 -8.59 1.65 -31.22
C TRP B 262 -8.40 0.14 -31.39
N TRP B 263 -9.41 -0.62 -30.99
CA TRP B 263 -9.32 -2.08 -30.92
C TRP B 263 -9.41 -2.77 -32.28
N GLN B 264 -9.52 -2.00 -33.35
CA GLN B 264 -9.51 -2.58 -34.69
C GLN B 264 -8.12 -2.92 -35.23
N TRP B 265 -7.05 -2.44 -34.60
CA TRP B 265 -5.70 -2.84 -35.02
C TRP B 265 -5.58 -4.36 -34.88
N TRP B 266 -6.59 -4.96 -34.24
CA TRP B 266 -6.63 -6.38 -33.98
C TRP B 266 -7.67 -7.07 -34.85
N VAL B 267 -8.88 -6.53 -34.84
CA VAL B 267 -9.99 -7.13 -35.58
C VAL B 267 -9.64 -7.27 -37.07
N LYS B 268 -9.19 -6.18 -37.69
CA LYS B 268 -9.08 -6.13 -39.13
C LYS B 268 -7.62 -6.40 -39.59
N LEU B 269 -6.83 -7.02 -38.72
CA LEU B 269 -5.52 -7.55 -39.05
C LEU B 269 -5.52 -8.42 -40.31
N PRO B 270 -4.31 -8.81 -40.81
CA PRO B 270 -4.29 -9.38 -42.19
C PRO B 270 -4.82 -10.81 -42.35
N TRP B 271 -4.44 -11.68 -41.42
CA TRP B 271 -4.70 -13.10 -41.59
C TRP B 271 -6.23 -13.42 -41.50
N TRP B 272 -7.02 -12.52 -40.90
CA TRP B 272 -8.46 -12.78 -40.62
C TRP B 272 -9.47 -11.63 -40.81
N ALA B 273 -9.05 -10.47 -41.27
CA ALA B 273 -9.99 -9.33 -41.37
C ALA B 273 -11.28 -9.65 -42.14
N ASN B 274 -11.34 -10.80 -42.80
CA ASN B 274 -12.41 -11.08 -43.76
C ASN B 274 -13.21 -12.35 -43.49
N ILE B 275 -12.64 -13.29 -42.76
CA ILE B 275 -13.27 -14.59 -42.52
C ILE B 275 -14.67 -14.39 -41.94
N PRO B 276 -15.68 -15.01 -42.56
CA PRO B 276 -17.06 -14.72 -42.12
C PRO B 276 -17.38 -15.33 -40.76
N GLY B 277 -18.37 -14.75 -40.07
CA GLY B 277 -18.84 -15.31 -38.82
C GLY B 277 -18.18 -14.78 -37.55
N GLY B 278 -18.57 -15.33 -36.41
CA GLY B 278 -18.19 -14.79 -35.12
C GLY B 278 -18.96 -13.50 -34.92
N ILE B 279 -18.43 -12.62 -34.06
CA ILE B 279 -19.09 -11.34 -33.81
C ILE B 279 -18.82 -10.33 -34.91
N ASN B 280 -17.59 -10.30 -35.41
CA ASN B 280 -17.17 -9.24 -36.31
C ASN B 280 -17.31 -9.60 -37.79
N GLY B 281 -17.05 -10.87 -38.11
CA GLY B 281 -17.23 -11.34 -39.48
C GLY B 281 -18.70 -11.59 -39.80
N ALA C 1 22.00 5.40 -6.93
CA ALA C 1 21.08 5.82 -5.87
C ALA C 1 21.67 5.55 -4.50
N GLU C 2 21.27 6.33 -3.51
CA GLU C 2 21.67 6.03 -2.14
C GLU C 2 20.85 4.79 -1.77
N TYR C 3 21.18 3.68 -2.45
CA TYR C 3 20.42 2.43 -2.55
C TYR C 3 18.98 2.34 -1.96
N GLN C 4 17.99 2.14 -2.83
CA GLN C 4 16.58 2.21 -2.42
C GLN C 4 15.87 0.93 -1.96
N ASN C 5 16.55 -0.21 -2.08
CA ASN C 5 16.01 -1.47 -1.60
C ASN C 5 14.64 -1.82 -2.25
N ILE C 6 14.52 -1.52 -3.54
CA ILE C 6 13.37 -1.93 -4.36
C ILE C 6 13.66 -3.30 -4.95
N PHE C 7 14.91 -3.47 -5.37
CA PHE C 7 15.41 -4.76 -5.81
C PHE C 7 16.60 -5.13 -4.95
N SER C 8 16.76 -6.43 -4.69
CA SER C 8 17.88 -6.90 -3.89
C SER C 8 19.17 -6.75 -4.69
N GLN C 9 20.30 -6.60 -4.01
CA GLN C 9 21.54 -6.42 -4.74
C GLN C 9 22.12 -7.82 -4.89
N VAL C 10 21.95 -8.62 -3.84
CA VAL C 10 22.51 -9.97 -3.79
C VAL C 10 21.41 -10.98 -3.43
N GLN C 11 21.30 -12.11 -4.13
CA GLN C 11 20.39 -13.15 -3.65
C GLN C 11 21.19 -14.27 -2.98
N VAL C 12 20.62 -14.81 -1.90
CA VAL C 12 21.22 -15.96 -1.23
C VAL C 12 20.21 -17.09 -1.30
N ARG C 13 20.70 -18.33 -1.34
CA ARG C 13 19.80 -19.48 -1.42
C ARG C 13 20.27 -20.63 -0.55
N GLY C 14 19.31 -21.28 0.09
CA GLY C 14 19.56 -22.42 0.95
C GLY C 14 18.49 -23.45 0.68
N PRO C 15 18.48 -24.54 1.45
CA PRO C 15 17.47 -25.61 1.35
C PRO C 15 16.05 -25.06 1.36
N ALA C 16 15.16 -25.64 0.56
CA ALA C 16 13.75 -25.25 0.57
C ALA C 16 13.17 -25.29 1.98
N ASP C 17 12.29 -24.35 2.26
CA ASP C 17 11.64 -24.26 3.56
C ASP C 17 10.32 -25.04 3.49
N LEU C 18 10.17 -26.08 4.30
CA LEU C 18 9.00 -26.96 4.16
C LEU C 18 7.82 -26.45 5.00
N GLY C 19 8.08 -25.47 5.86
CA GLY C 19 7.00 -24.75 6.50
C GLY C 19 6.64 -25.24 7.88
N MET C 20 5.91 -24.40 8.61
CA MET C 20 5.37 -24.77 9.90
C MET C 20 4.40 -25.93 9.76
N THR C 21 4.36 -26.78 10.78
CA THR C 21 3.53 -27.98 10.77
C THR C 21 2.20 -27.77 11.46
N GLU C 22 2.26 -27.38 12.73
CA GLU C 22 1.08 -27.25 13.58
C GLU C 22 0.14 -28.45 13.38
N ASP C 23 -1.09 -28.15 12.95
CA ASP C 23 -2.13 -29.14 12.75
C ASP C 23 -2.44 -29.38 11.27
N VAL C 24 -1.53 -28.94 10.42
CA VAL C 24 -1.66 -29.22 9.00
C VAL C 24 -1.53 -30.72 8.77
N ASN C 25 -2.50 -31.27 8.04
CA ASN C 25 -2.38 -32.62 7.53
C ASN C 25 -1.29 -32.68 6.48
N LEU C 26 -0.09 -33.12 6.85
CA LEU C 26 1.04 -33.10 5.92
C LEU C 26 0.86 -34.01 4.70
N ALA C 27 -0.09 -34.93 4.76
CA ALA C 27 -0.36 -35.78 3.59
C ALA C 27 -0.79 -34.98 2.37
N ASN C 28 -1.31 -33.76 2.57
CA ASN C 28 -1.87 -33.01 1.44
C ASN C 28 -0.99 -31.87 0.98
N ARG C 29 0.27 -31.83 1.40
CA ARG C 29 1.22 -30.87 0.84
C ARG C 29 1.98 -31.45 -0.31
N SER C 30 2.20 -30.64 -1.35
CA SER C 30 2.98 -31.06 -2.51
C SER C 30 4.44 -31.19 -2.14
N GLY C 31 5.29 -31.51 -3.12
CA GLY C 31 6.72 -31.32 -2.97
C GLY C 31 7.02 -29.83 -3.14
N VAL C 32 8.28 -29.42 -3.03
CA VAL C 32 8.58 -28.01 -3.29
C VAL C 32 8.91 -27.87 -4.76
N GLY C 33 8.56 -26.73 -5.33
CA GLY C 33 8.88 -26.46 -6.72
C GLY C 33 10.30 -25.93 -6.84
N PRO C 34 10.64 -25.44 -8.02
CA PRO C 34 11.95 -24.82 -8.22
C PRO C 34 12.03 -23.42 -7.63
N PHE C 35 13.25 -22.96 -7.41
CA PHE C 35 13.51 -21.59 -7.05
C PHE C 35 13.47 -20.69 -8.28
N SER C 36 12.91 -19.49 -8.15
CA SER C 36 12.93 -18.52 -9.26
C SER C 36 13.83 -17.33 -8.98
N THR C 37 14.99 -17.32 -9.63
CA THR C 37 15.92 -16.21 -9.54
C THR C 37 15.27 -14.92 -9.99
N LEU C 38 14.45 -15.00 -11.03
CA LEU C 38 13.69 -13.86 -11.51
C LEU C 38 12.86 -13.25 -10.37
N LEU C 39 12.08 -14.07 -9.67
CA LEU C 39 11.28 -13.56 -8.56
C LEU C 39 12.15 -13.18 -7.36
N GLY C 40 13.30 -13.83 -7.23
CA GLY C 40 14.19 -13.57 -6.12
C GLY C 40 14.74 -12.15 -6.06
N TRP C 41 14.64 -11.40 -7.15
CA TRP C 41 15.12 -10.01 -7.13
C TRP C 41 14.18 -9.11 -6.33
N PHE C 42 12.91 -9.52 -6.27
CA PHE C 42 11.87 -8.64 -5.81
C PHE C 42 11.31 -9.18 -4.48
N GLY C 43 11.15 -10.50 -4.40
CA GLY C 43 10.65 -11.15 -3.20
C GLY C 43 11.38 -12.45 -2.95
N ASN C 44 10.69 -13.42 -2.34
CA ASN C 44 11.24 -14.77 -2.15
C ASN C 44 11.39 -15.54 -3.47
N ALA C 45 12.40 -16.39 -3.59
CA ALA C 45 12.55 -17.21 -4.80
C ALA C 45 11.86 -18.58 -4.72
N GLN C 46 11.48 -19.04 -3.54
CA GLN C 46 10.93 -20.39 -3.40
C GLN C 46 9.51 -20.55 -3.93
N LEU C 47 9.28 -21.59 -4.75
CA LEU C 47 7.93 -21.92 -5.22
C LEU C 47 7.46 -23.18 -4.52
N GLY C 48 6.26 -23.14 -3.95
CA GLY C 48 5.73 -24.30 -3.23
C GLY C 48 6.31 -24.47 -1.83
N PRO C 49 5.84 -25.49 -1.08
CA PRO C 49 4.78 -26.43 -1.49
C PRO C 49 3.44 -25.74 -1.52
N ILE C 50 2.45 -26.41 -2.06
CA ILE C 50 1.08 -25.97 -1.92
C ILE C 50 0.32 -27.06 -1.14
N TYR C 51 -0.83 -26.71 -0.58
CA TYR C 51 -1.65 -27.65 0.18
C TYR C 51 -2.95 -27.82 -0.63
N LEU C 52 -3.36 -29.07 -0.86
CA LEU C 52 -4.58 -29.30 -1.62
C LEU C 52 -5.77 -29.74 -0.78
N GLY C 53 -5.91 -31.04 -0.57
CA GLY C 53 -7.08 -31.48 0.16
C GLY C 53 -8.38 -31.35 -0.62
N SER C 54 -9.45 -31.80 0.02
CA SER C 54 -10.77 -31.94 -0.60
C SER C 54 -11.32 -30.67 -1.20
N LEU C 55 -11.44 -29.63 -0.39
CA LEU C 55 -11.96 -28.35 -0.87
C LEU C 55 -11.15 -27.72 -1.99
N GLY C 56 -9.83 -27.81 -1.92
CA GLY C 56 -8.99 -27.23 -2.95
C GLY C 56 -9.27 -27.89 -4.29
N VAL C 57 -9.26 -29.21 -4.30
CA VAL C 57 -9.59 -29.99 -5.49
C VAL C 57 -11.00 -29.70 -6.02
N LEU C 58 -11.99 -29.72 -5.13
CA LEU C 58 -13.35 -29.31 -5.49
C LEU C 58 -13.36 -27.90 -6.10
N SER C 59 -12.60 -26.99 -5.52
CA SER C 59 -12.60 -25.62 -6.00
C SER C 59 -11.92 -25.52 -7.37
N LEU C 60 -10.72 -26.09 -7.49
CA LEU C 60 -10.03 -26.18 -8.76
C LEU C 60 -10.89 -26.79 -9.86
N PHE C 61 -11.51 -27.91 -9.54
CA PHE C 61 -12.31 -28.64 -10.49
C PHE C 61 -13.46 -27.78 -10.97
N SER C 62 -14.19 -27.26 -10.01
CA SER C 62 -15.41 -26.53 -10.27
C SER C 62 -15.06 -25.26 -11.05
N GLY C 63 -13.91 -24.70 -10.75
CA GLY C 63 -13.45 -23.49 -11.42
C GLY C 63 -13.06 -23.78 -12.86
N LEU C 64 -12.42 -24.91 -13.09
CA LEU C 64 -12.11 -25.35 -14.44
C LEU C 64 -13.37 -25.59 -15.30
N MET C 65 -14.42 -26.18 -14.71
CA MET C 65 -15.67 -26.36 -15.43
C MET C 65 -16.24 -25.01 -15.87
N TRP C 66 -16.18 -24.04 -14.96
CA TRP C 66 -16.64 -22.71 -15.23
C TRP C 66 -15.95 -22.14 -16.48
N PHE C 67 -14.64 -22.12 -16.43
CA PHE C 67 -13.78 -21.72 -17.53
C PHE C 67 -14.11 -22.48 -18.81
N PHE C 68 -14.34 -23.78 -18.67
CA PHE C 68 -14.57 -24.65 -19.80
C PHE C 68 -15.92 -24.36 -20.45
N THR C 69 -16.94 -24.16 -19.61
CA THR C 69 -18.27 -23.85 -20.11
C THR C 69 -18.28 -22.56 -20.92
N ILE C 70 -17.57 -21.54 -20.42
CA ILE C 70 -17.47 -20.27 -21.13
C ILE C 70 -16.70 -20.46 -22.43
N GLY C 71 -15.58 -21.17 -22.31
CA GLY C 71 -14.70 -21.41 -23.43
C GLY C 71 -15.39 -22.13 -24.57
N ILE C 72 -16.19 -23.14 -24.23
CA ILE C 72 -16.85 -23.95 -25.25
C ILE C 72 -17.90 -23.09 -25.95
N TRP C 73 -18.56 -22.22 -25.20
CA TRP C 73 -19.54 -21.31 -25.77
C TRP C 73 -18.84 -20.35 -26.71
N PHE C 74 -17.65 -19.88 -26.33
CA PHE C 74 -16.93 -18.96 -27.19
C PHE C 74 -16.57 -19.64 -28.52
N TRP C 75 -16.07 -20.87 -28.46
CA TRP C 75 -15.82 -21.64 -29.68
C TRP C 75 -17.07 -21.77 -30.53
N TYR C 76 -18.21 -22.00 -29.88
CA TYR C 76 -19.47 -22.05 -30.58
C TYR C 76 -19.75 -20.74 -31.31
N GLN C 77 -19.61 -19.61 -30.63
CA GLN C 77 -19.79 -18.31 -31.29
C GLN C 77 -18.77 -18.04 -32.41
N ALA C 78 -17.63 -18.71 -32.36
CA ALA C 78 -16.61 -18.53 -33.37
C ALA C 78 -16.75 -19.57 -34.48
N GLY C 79 -17.90 -20.21 -34.56
CA GLY C 79 -18.16 -21.23 -35.56
C GLY C 79 -17.09 -22.29 -35.67
N TRP C 80 -16.39 -22.52 -34.57
CA TRP C 80 -15.39 -23.59 -34.42
C TRP C 80 -14.13 -23.27 -35.23
N ASN C 81 -14.08 -22.04 -35.73
CA ASN C 81 -12.94 -21.51 -36.47
C ASN C 81 -11.92 -20.83 -35.54
N PRO C 82 -10.71 -21.41 -35.43
CA PRO C 82 -9.64 -20.87 -34.58
C PRO C 82 -9.29 -19.41 -34.89
N ALA C 83 -9.27 -19.06 -36.17
CA ALA C 83 -8.91 -17.70 -36.57
C ALA C 83 -9.94 -16.70 -36.07
N VAL C 84 -11.21 -17.06 -36.21
CA VAL C 84 -12.29 -16.22 -35.74
C VAL C 84 -12.29 -16.17 -34.22
N PHE C 85 -11.86 -17.26 -33.59
CA PHE C 85 -11.80 -17.34 -32.13
C PHE C 85 -10.85 -16.28 -31.60
N LEU C 86 -9.63 -16.25 -32.14
CA LEU C 86 -8.65 -15.23 -31.79
C LEU C 86 -9.03 -13.83 -32.23
N ARG C 87 -9.66 -13.70 -33.39
CA ARG C 87 -10.01 -12.37 -33.86
C ARG C 87 -11.00 -11.70 -32.90
N ASP C 88 -11.99 -12.46 -32.47
CA ASP C 88 -13.12 -11.90 -31.75
C ASP C 88 -13.14 -12.26 -30.27
N LEU C 89 -12.01 -12.71 -29.74
CA LEU C 89 -11.97 -13.23 -28.38
C LEU C 89 -12.60 -12.30 -27.33
N PHE C 90 -12.36 -11.00 -27.45
CA PHE C 90 -12.85 -10.04 -26.47
C PHE C 90 -14.30 -9.61 -26.66
N PHE C 91 -14.89 -9.98 -27.80
CA PHE C 91 -16.24 -9.61 -28.15
C PHE C 91 -17.23 -10.74 -27.83
N PHE C 92 -16.71 -11.94 -27.67
CA PHE C 92 -17.53 -13.07 -27.24
C PHE C 92 -18.18 -12.79 -25.89
N SER C 93 -19.42 -13.23 -25.74
CA SER C 93 -20.12 -13.04 -24.48
C SER C 93 -21.11 -14.15 -24.19
N LEU C 94 -21.06 -14.68 -22.97
CA LEU C 94 -22.07 -15.61 -22.49
C LEU C 94 -23.10 -14.84 -21.67
N GLU C 95 -24.29 -14.65 -22.23
CA GLU C 95 -25.33 -13.80 -21.65
C GLU C 95 -26.28 -14.56 -20.75
N PRO C 96 -26.88 -13.87 -19.77
CA PRO C 96 -27.91 -14.51 -18.96
C PRO C 96 -29.20 -14.69 -19.75
N PRO C 97 -30.13 -15.52 -19.25
CA PRO C 97 -31.45 -15.68 -19.89
C PRO C 97 -32.14 -14.33 -20.08
N ALA C 98 -32.92 -14.20 -21.14
CA ALA C 98 -33.65 -12.98 -21.40
C ALA C 98 -34.73 -12.81 -20.31
N PRO C 99 -35.27 -11.57 -20.16
CA PRO C 99 -36.20 -11.26 -19.07
C PRO C 99 -37.37 -12.22 -18.96
N GLU C 100 -37.97 -12.55 -20.10
CA GLU C 100 -39.15 -13.42 -20.11
C GLU C 100 -38.98 -14.81 -19.47
N TYR C 101 -37.77 -15.18 -19.08
CA TYR C 101 -37.61 -16.44 -18.34
C TYR C 101 -37.62 -16.24 -16.82
N GLY C 102 -37.66 -14.98 -16.39
CA GLY C 102 -37.66 -14.66 -14.98
C GLY C 102 -36.52 -15.29 -14.20
N LEU C 103 -36.85 -16.02 -13.15
CA LEU C 103 -35.84 -16.71 -12.35
C LEU C 103 -35.90 -18.21 -12.57
N SER C 104 -36.54 -18.65 -13.64
CA SER C 104 -36.64 -20.08 -13.86
C SER C 104 -35.33 -20.62 -14.39
N PHE C 105 -35.10 -21.91 -14.14
CA PHE C 105 -33.90 -22.54 -14.63
C PHE C 105 -34.25 -23.25 -15.93
N ALA C 106 -35.35 -22.79 -16.54
CA ALA C 106 -35.97 -23.47 -17.67
C ALA C 106 -35.65 -22.81 -18.99
N ALA C 107 -34.51 -22.14 -19.07
CA ALA C 107 -34.09 -21.51 -20.32
C ALA C 107 -33.28 -22.50 -21.15
N PRO C 108 -33.51 -22.51 -22.46
CA PRO C 108 -32.70 -23.39 -23.31
C PRO C 108 -31.22 -23.01 -23.28
N LEU C 109 -30.34 -24.00 -23.43
CA LEU C 109 -28.90 -23.79 -23.33
C LEU C 109 -28.40 -22.58 -24.09
N LYS C 110 -28.74 -22.51 -25.38
CA LYS C 110 -28.25 -21.40 -26.19
C LYS C 110 -28.96 -20.10 -25.91
N GLU C 111 -29.83 -20.08 -24.91
CA GLU C 111 -30.51 -18.83 -24.57
C GLU C 111 -30.48 -18.49 -23.08
N GLY C 112 -29.36 -18.77 -22.41
CA GLY C 112 -29.25 -18.41 -21.01
C GLY C 112 -29.07 -19.61 -20.08
N GLY C 113 -29.34 -20.81 -20.60
CA GLY C 113 -29.17 -22.01 -19.81
C GLY C 113 -27.71 -22.24 -19.47
N LEU C 114 -26.85 -21.94 -20.42
CA LEU C 114 -25.43 -22.24 -20.29
C LEU C 114 -24.83 -21.24 -19.29
N TRP C 115 -25.40 -20.03 -19.25
CA TRP C 115 -24.99 -19.00 -18.30
C TRP C 115 -25.25 -19.48 -16.86
N LEU C 116 -26.47 -20.01 -16.66
CA LEU C 116 -26.88 -20.57 -15.38
C LEU C 116 -25.96 -21.70 -14.92
N ILE C 117 -25.49 -22.50 -15.87
CA ILE C 117 -24.63 -23.61 -15.55
C ILE C 117 -23.24 -23.09 -15.17
N ALA C 118 -22.74 -22.10 -15.91
CA ALA C 118 -21.45 -21.50 -15.61
C ALA C 118 -21.46 -20.90 -14.21
N SER C 119 -22.50 -20.12 -13.95
CA SER C 119 -22.68 -19.47 -12.65
C SER C 119 -22.69 -20.48 -11.51
N PHE C 120 -23.26 -21.64 -11.76
CA PHE C 120 -23.27 -22.70 -10.77
C PHE C 120 -21.86 -23.19 -10.45
N PHE C 121 -21.03 -23.39 -11.47
CA PHE C 121 -19.66 -23.82 -11.20
C PHE C 121 -18.86 -22.70 -10.56
N MET C 122 -19.13 -21.46 -10.97
CA MET C 122 -18.39 -20.35 -10.43
C MET C 122 -18.71 -20.20 -8.96
N PHE C 123 -20.00 -20.31 -8.66
CA PHE C 123 -20.51 -20.26 -7.29
C PHE C 123 -19.87 -21.30 -6.38
N VAL C 124 -19.66 -22.51 -6.88
CA VAL C 124 -19.08 -23.58 -6.08
C VAL C 124 -17.58 -23.36 -5.90
N ALA C 125 -16.96 -22.87 -6.95
CA ALA C 125 -15.52 -22.64 -6.93
C ALA C 125 -15.13 -21.57 -5.89
N VAL C 126 -15.88 -20.48 -5.85
CA VAL C 126 -15.56 -19.36 -4.96
C VAL C 126 -15.83 -19.69 -3.50
N TRP C 127 -17.01 -20.22 -3.19
CA TRP C 127 -17.32 -20.56 -1.81
C TRP C 127 -16.46 -21.71 -1.27
N SER C 128 -16.08 -22.66 -2.10
CA SER C 128 -15.22 -23.71 -1.56
C SER C 128 -13.81 -23.14 -1.34
N TRP C 129 -13.40 -22.18 -2.16
CA TRP C 129 -12.12 -21.49 -1.96
C TRP C 129 -12.15 -20.68 -0.64
N TRP C 130 -13.29 -20.07 -0.37
CA TRP C 130 -13.49 -19.36 0.87
C TRP C 130 -13.32 -20.30 2.07
N GLY C 131 -13.97 -21.47 2.03
CA GLY C 131 -13.81 -22.48 3.07
C GLY C 131 -12.34 -22.81 3.28
N ARG C 132 -11.64 -23.03 2.17
CA ARG C 132 -10.21 -23.23 2.20
C ARG C 132 -9.43 -22.10 2.92
N THR C 133 -9.73 -20.83 2.62
CA THR C 133 -8.95 -19.74 3.25
C THR C 133 -9.18 -19.77 4.75
N TYR C 134 -10.38 -20.21 5.14
CA TYR C 134 -10.73 -20.31 6.54
C TYR C 134 -9.99 -21.50 7.19
N LEU C 135 -9.94 -22.66 6.54
CA LEU C 135 -9.36 -23.90 7.12
C LEU C 135 -7.84 -23.94 7.17
N ARG C 136 -7.19 -23.28 6.21
CA ARG C 136 -5.73 -23.06 6.26
C ARG C 136 -5.29 -22.23 7.43
N ALA C 137 -6.10 -21.23 7.78
CA ALA C 137 -5.79 -20.37 8.90
C ALA C 137 -5.91 -21.19 10.17
N GLN C 138 -7.03 -21.91 10.28
CA GLN C 138 -7.32 -22.73 11.45
C GLN C 138 -6.22 -23.81 11.68
N ALA C 139 -5.84 -24.51 10.62
CA ALA C 139 -4.85 -25.56 10.74
C ALA C 139 -3.52 -25.04 11.27
N LEU C 140 -3.22 -23.76 11.01
CA LEU C 140 -2.00 -23.12 11.52
C LEU C 140 -2.20 -22.36 12.83
N GLY C 141 -3.42 -22.34 13.35
CA GLY C 141 -3.71 -21.67 14.61
C GLY C 141 -3.85 -20.15 14.49
N MET C 142 -4.06 -19.66 13.27
CA MET C 142 -4.13 -18.23 13.03
C MET C 142 -5.55 -17.70 13.15
N GLY C 143 -5.66 -16.37 13.36
CA GLY C 143 -6.94 -15.69 13.30
C GLY C 143 -7.54 -15.75 11.90
N LYS C 144 -8.81 -15.41 11.81
CA LYS C 144 -9.59 -15.65 10.60
C LYS C 144 -9.74 -14.44 9.73
N HIS C 145 -8.84 -13.50 9.90
CA HIS C 145 -8.93 -12.21 9.24
C HIS C 145 -9.02 -12.32 7.73
N THR C 146 -8.22 -13.21 7.15
CA THR C 146 -8.20 -13.37 5.70
C THR C 146 -9.56 -13.83 5.20
N ALA C 147 -10.15 -14.83 5.83
CA ALA C 147 -11.49 -15.28 5.45
C ALA C 147 -12.52 -14.15 5.59
N TRP C 148 -12.46 -13.36 6.66
CA TRP C 148 -13.47 -12.32 6.81
C TRP C 148 -13.30 -11.22 5.75
N ALA C 149 -12.06 -10.86 5.44
CA ALA C 149 -11.80 -9.88 4.39
C ALA C 149 -12.30 -10.38 3.03
N PHE C 150 -12.06 -11.66 2.74
CA PHE C 150 -12.44 -12.22 1.45
C PHE C 150 -13.95 -12.21 1.30
N LEU C 151 -14.63 -12.38 2.42
CA LEU C 151 -16.07 -12.35 2.43
C LEU C 151 -16.62 -11.00 1.91
N SER C 152 -15.85 -9.93 2.15
CA SER C 152 -16.26 -8.61 1.69
C SER C 152 -16.26 -8.51 0.18
N ALA C 153 -15.32 -9.21 -0.46
CA ALA C 153 -15.24 -9.21 -1.90
C ALA C 153 -16.37 -10.08 -2.45
N ILE C 154 -16.59 -11.21 -1.80
CA ILE C 154 -17.65 -12.14 -2.15
C ILE C 154 -19.01 -11.44 -2.13
N TRP C 155 -19.26 -10.65 -1.10
CA TRP C 155 -20.46 -9.81 -1.01
C TRP C 155 -20.78 -9.01 -2.29
N LEU C 156 -19.82 -8.24 -2.82
CA LEU C 156 -20.06 -7.47 -4.04
C LEU C 156 -20.38 -8.37 -5.25
N TRP C 157 -19.61 -9.45 -5.39
CA TRP C 157 -19.90 -10.43 -6.43
C TRP C 157 -21.26 -11.12 -6.28
N MET C 158 -21.66 -11.49 -5.05
CA MET C 158 -23.00 -12.04 -4.80
C MET C 158 -24.12 -11.06 -5.17
N VAL C 159 -23.93 -9.80 -4.80
CA VAL C 159 -24.92 -8.79 -5.13
C VAL C 159 -25.06 -8.65 -6.65
N LEU C 160 -23.94 -8.52 -7.37
CA LEU C 160 -23.99 -8.33 -8.81
C LEU C 160 -24.62 -9.49 -9.53
N GLY C 161 -24.26 -10.70 -9.11
CA GLY C 161 -24.63 -11.88 -9.86
C GLY C 161 -25.85 -12.63 -9.40
N PHE C 162 -26.27 -12.43 -8.15
CA PHE C 162 -27.29 -13.29 -7.56
C PHE C 162 -28.33 -12.53 -6.72
N ILE C 163 -27.90 -11.85 -5.67
CA ILE C 163 -28.87 -11.23 -4.78
C ILE C 163 -29.70 -10.16 -5.49
N ARG C 164 -29.06 -9.28 -6.25
CA ARG C 164 -29.81 -8.23 -6.92
C ARG C 164 -30.70 -8.80 -8.05
N PRO C 165 -30.17 -9.68 -8.91
CA PRO C 165 -31.09 -10.25 -9.91
C PRO C 165 -32.31 -10.98 -9.31
N ILE C 166 -32.13 -11.67 -8.18
CA ILE C 166 -33.26 -12.33 -7.54
C ILE C 166 -34.28 -11.31 -7.03
N LEU C 167 -33.81 -10.25 -6.40
CA LEU C 167 -34.69 -9.20 -5.89
C LEU C 167 -35.40 -8.46 -7.03
N MET C 168 -34.76 -8.38 -8.20
CA MET C 168 -35.34 -7.73 -9.37
C MET C 168 -36.28 -8.70 -10.09
N GLY C 169 -36.22 -9.97 -9.72
CA GLY C 169 -37.08 -10.97 -10.31
C GLY C 169 -36.61 -11.57 -11.64
N SER C 170 -35.38 -11.29 -12.03
CA SER C 170 -34.95 -11.72 -13.36
C SER C 170 -33.44 -12.02 -13.44
N TRP C 171 -33.08 -13.21 -13.94
CA TRP C 171 -31.67 -13.50 -14.17
C TRP C 171 -31.05 -12.58 -15.20
N SER C 172 -31.87 -12.00 -16.07
CA SER C 172 -31.37 -11.17 -17.15
C SER C 172 -30.69 -9.92 -16.59
N GLU C 173 -30.82 -9.73 -15.29
CA GLU C 173 -30.33 -8.56 -14.63
C GLU C 173 -28.85 -8.78 -14.20
N ALA C 174 -28.37 -10.00 -14.36
CA ALA C 174 -27.01 -10.33 -13.97
C ALA C 174 -26.00 -9.95 -15.04
N VAL C 175 -24.73 -10.12 -14.71
CA VAL C 175 -23.60 -9.68 -15.53
C VAL C 175 -23.19 -10.80 -16.48
N PRO C 176 -22.99 -10.48 -17.77
CA PRO C 176 -22.55 -11.53 -18.72
C PRO C 176 -21.09 -11.91 -18.53
N TYR C 177 -20.69 -13.06 -19.07
CA TYR C 177 -19.30 -13.46 -19.02
C TYR C 177 -18.65 -13.11 -20.35
N GLY C 178 -17.98 -11.96 -20.38
CA GLY C 178 -17.23 -11.53 -21.54
C GLY C 178 -16.37 -10.34 -21.16
N ILE C 179 -15.19 -10.24 -21.79
CA ILE C 179 -14.28 -9.11 -21.58
C ILE C 179 -14.96 -7.77 -21.84
N PHE C 180 -15.28 -7.50 -23.10
CA PHE C 180 -15.92 -6.23 -23.41
C PHE C 180 -17.37 -6.16 -22.92
N SER C 181 -18.10 -7.27 -22.97
CA SER C 181 -19.53 -7.19 -22.68
C SER C 181 -19.81 -6.83 -21.22
N HIS C 182 -18.95 -7.25 -20.28
CA HIS C 182 -19.27 -6.87 -18.89
C HIS C 182 -18.85 -5.42 -18.68
N LEU C 183 -17.95 -4.91 -19.52
CA LEU C 183 -17.68 -3.46 -19.53
C LEU C 183 -18.89 -2.67 -20.03
N ASP C 184 -19.45 -3.08 -21.17
CA ASP C 184 -20.66 -2.45 -21.72
C ASP C 184 -21.80 -2.50 -20.70
N TRP C 185 -21.92 -3.64 -20.02
CA TRP C 185 -22.90 -3.83 -18.96
C TRP C 185 -22.74 -2.80 -17.86
N THR C 186 -21.48 -2.53 -17.49
CA THR C 186 -21.18 -1.61 -16.41
C THR C 186 -21.60 -0.18 -16.76
N ASN C 187 -21.27 0.22 -17.99
CA ASN C 187 -21.65 1.53 -18.54
C ASN C 187 -23.14 1.69 -18.55
N ASN C 188 -23.78 0.64 -19.00
CA ASN C 188 -25.20 0.68 -19.24
C ASN C 188 -25.96 0.73 -17.90
N PHE C 189 -25.48 -0.03 -16.93
CA PHE C 189 -26.04 -0.01 -15.60
C PHE C 189 -26.13 1.40 -15.03
N SER C 190 -25.05 2.16 -15.18
CA SER C 190 -25.03 3.53 -14.66
C SER C 190 -26.01 4.47 -15.37
N LEU C 191 -26.06 4.39 -16.69
CA LEU C 191 -27.02 5.13 -17.49
C LEU C 191 -28.47 4.85 -17.08
N VAL C 192 -28.81 3.56 -17.01
CA VAL C 192 -30.14 3.15 -16.61
C VAL C 192 -30.52 3.64 -15.21
N HIS C 193 -29.56 3.74 -14.30
CA HIS C 193 -29.90 4.13 -12.93
C HIS C 193 -29.60 5.60 -12.61
N GLY C 194 -29.60 6.43 -13.64
CA GLY C 194 -29.55 7.86 -13.45
C GLY C 194 -28.22 8.40 -12.95
N ASN C 195 -27.13 7.79 -13.43
CA ASN C 195 -25.75 8.27 -13.19
C ASN C 195 -25.21 7.82 -11.83
N LEU C 196 -24.36 6.78 -11.79
CA LEU C 196 -23.89 6.28 -10.48
C LEU C 196 -22.98 7.20 -9.73
N PHE C 197 -22.44 8.23 -10.38
CA PHE C 197 -21.68 9.21 -9.63
C PHE C 197 -22.54 9.81 -8.54
N TYR C 198 -23.86 9.82 -8.70
CA TYR C 198 -24.64 10.42 -7.63
C TYR C 198 -25.22 9.38 -6.66
N ASN C 199 -24.80 8.13 -6.83
CA ASN C 199 -25.00 7.11 -5.80
C ASN C 199 -23.97 7.35 -4.70
N PRO C 200 -24.42 7.71 -3.49
CA PRO C 200 -23.44 8.01 -2.43
C PRO C 200 -22.59 6.81 -1.93
N PHE C 201 -23.09 5.58 -2.00
CA PHE C 201 -22.28 4.42 -1.63
C PHE C 201 -21.23 4.16 -2.70
N HIS C 202 -21.53 4.63 -3.90
CA HIS C 202 -20.57 4.57 -4.98
C HIS C 202 -19.44 5.59 -4.79
N GLY C 203 -19.76 6.78 -4.32
CA GLY C 203 -18.74 7.76 -4.01
C GLY C 203 -17.90 7.33 -2.81
N LEU C 204 -18.56 6.74 -1.81
CA LEU C 204 -17.85 6.16 -0.66
C LEU C 204 -16.90 5.07 -1.14
N SER C 205 -17.40 4.22 -2.02
CA SER C 205 -16.60 3.12 -2.50
C SER C 205 -15.32 3.60 -3.20
N ILE C 206 -15.46 4.66 -4.00
CA ILE C 206 -14.33 5.26 -4.69
C ILE C 206 -13.33 5.91 -3.72
N ALA C 207 -13.84 6.56 -2.67
CA ALA C 207 -12.98 7.09 -1.64
C ALA C 207 -12.09 6.01 -0.99
N PHE C 208 -12.61 4.80 -0.81
CA PHE C 208 -11.82 3.74 -0.20
C PHE C 208 -10.91 3.05 -1.22
N LEU C 209 -11.33 2.99 -2.48
CA LEU C 209 -10.47 2.45 -3.52
C LEU C 209 -9.24 3.37 -3.68
N TYR C 210 -9.50 4.67 -3.80
CA TYR C 210 -8.42 5.65 -3.85
C TYR C 210 -7.64 5.60 -2.55
N GLY C 211 -8.38 5.58 -1.44
CA GLY C 211 -7.80 5.51 -0.11
C GLY C 211 -6.88 4.31 0.07
N SER C 212 -7.18 3.22 -0.62
CA SER C 212 -6.35 2.03 -0.51
C SER C 212 -5.02 2.23 -1.19
N ALA C 213 -5.04 2.86 -2.37
CA ALA C 213 -3.80 3.15 -3.08
C ALA C 213 -2.99 4.17 -2.26
N LEU C 214 -3.66 5.19 -1.74
CA LEU C 214 -3.02 6.14 -0.84
C LEU C 214 -2.31 5.45 0.33
N LEU C 215 -3.03 4.57 1.01
CA LEU C 215 -2.50 4.00 2.23
C LEU C 215 -1.41 2.99 1.95
N PHE C 216 -1.52 2.25 0.86
CA PHE C 216 -0.52 1.22 0.64
C PHE C 216 0.76 1.87 0.06
N ALA C 217 0.62 3.00 -0.63
CA ALA C 217 1.79 3.78 -1.02
C ALA C 217 2.47 4.36 0.23
N MET C 218 1.66 4.92 1.13
CA MET C 218 2.20 5.43 2.40
C MET C 218 2.94 4.36 3.18
N HIS C 219 2.30 3.21 3.30
CA HIS C 219 2.83 2.17 4.16
C HIS C 219 3.95 1.36 3.52
N GLY C 220 3.84 1.03 2.23
CA GLY C 220 4.93 0.39 1.51
C GLY C 220 6.19 1.24 1.58
N ALA C 221 6.05 2.53 1.29
CA ALA C 221 7.17 3.45 1.30
C ALA C 221 7.73 3.63 2.74
N THR C 222 6.85 3.71 3.74
CA THR C 222 7.30 3.87 5.11
C THR C 222 8.18 2.68 5.53
N ILE C 223 7.75 1.45 5.19
CA ILE C 223 8.48 0.25 5.61
C ILE C 223 9.82 0.16 4.89
N LEU C 224 9.85 0.50 3.60
CA LEU C 224 11.13 0.50 2.90
C LEU C 224 12.06 1.57 3.47
N ALA C 225 11.50 2.75 3.77
CA ALA C 225 12.29 3.83 4.38
C ALA C 225 12.94 3.41 5.71
N VAL C 226 12.31 2.50 6.47
CA VAL C 226 12.91 2.05 7.74
C VAL C 226 13.41 0.61 7.72
N SER C 227 13.55 0.02 6.54
CA SER C 227 14.08 -1.35 6.42
C SER C 227 15.58 -1.40 6.78
N ARG C 228 16.24 -0.24 6.70
CA ARG C 228 17.60 -0.10 7.18
C ARG C 228 17.65 -0.27 8.71
N PHE C 229 16.47 -0.34 9.35
CA PHE C 229 16.39 -0.70 10.77
C PHE C 229 15.60 -2.00 10.95
N GLY C 230 15.42 -2.77 9.88
CA GLY C 230 14.69 -4.03 10.00
C GLY C 230 13.19 -3.85 10.20
N GLY C 231 12.64 -2.75 9.68
CA GLY C 231 11.24 -2.45 9.83
C GLY C 231 10.24 -3.45 9.28
N GLU C 232 10.61 -4.24 8.27
CA GLU C 232 9.62 -5.11 7.65
C GLU C 232 9.33 -6.33 8.54
N ARG C 233 10.15 -6.52 9.58
CA ARG C 233 9.92 -7.59 10.53
C ARG C 233 8.89 -7.08 11.52
N GLU C 234 7.63 -7.04 11.08
CA GLU C 234 6.64 -6.25 11.82
C GLU C 234 6.09 -7.01 13.02
N LEU C 235 6.03 -8.35 12.94
CA LEU C 235 5.58 -9.11 14.11
C LEU C 235 6.45 -8.91 15.33
N GLU C 236 7.78 -8.89 15.13
CA GLU C 236 8.69 -8.77 16.25
C GLU C 236 8.72 -7.31 16.69
N GLN C 237 8.54 -6.39 15.74
CA GLN C 237 8.34 -4.97 16.05
C GLN C 237 7.05 -4.72 16.86
N ILE C 238 6.01 -5.52 16.62
CA ILE C 238 4.80 -5.44 17.46
C ILE C 238 5.09 -5.92 18.89
N ALA C 239 5.84 -7.02 19.01
CA ALA C 239 6.13 -7.62 20.32
C ALA C 239 7.21 -6.87 21.08
N ASP C 240 8.06 -6.15 20.37
CA ASP C 240 9.18 -5.49 21.00
C ASP C 240 9.61 -4.30 20.17
N ARG C 241 8.91 -3.17 20.39
CA ARG C 241 9.08 -1.96 19.57
C ARG C 241 10.55 -1.57 19.38
N GLY C 242 10.97 -1.39 18.13
CA GLY C 242 12.33 -1.00 17.82
C GLY C 242 12.37 0.42 17.26
N THR C 243 13.57 0.92 16.95
CA THR C 243 13.68 2.28 16.46
C THR C 243 13.00 2.38 15.08
N ALA C 244 12.88 1.26 14.36
CA ALA C 244 12.09 1.27 13.12
C ALA C 244 10.66 1.72 13.34
N ALA C 245 9.97 1.09 14.29
CA ALA C 245 8.57 1.42 14.55
C ALA C 245 8.46 2.87 15.04
N GLU C 246 9.44 3.32 15.83
CA GLU C 246 9.39 4.66 16.40
C GLU C 246 9.61 5.78 15.36
N ARG C 247 10.59 5.61 14.48
CA ARG C 247 10.83 6.58 13.42
C ARG C 247 9.67 6.61 12.42
N ALA C 248 9.09 5.44 12.11
CA ALA C 248 7.95 5.40 11.23
C ALA C 248 6.79 6.19 11.81
N ALA C 249 6.61 6.10 13.12
CA ALA C 249 5.47 6.75 13.74
C ALA C 249 5.75 8.26 13.85
N LEU C 250 7.00 8.63 14.15
CA LEU C 250 7.35 10.05 14.23
C LEU C 250 7.35 10.75 12.89
N PHE C 251 7.79 10.07 11.82
CA PHE C 251 7.65 10.65 10.51
C PHE C 251 6.22 11.17 10.29
N TRP C 252 5.23 10.32 10.56
CA TRP C 252 3.85 10.69 10.28
C TRP C 252 3.29 11.67 11.30
N ARG C 253 3.69 11.53 12.55
CA ARG C 253 3.23 12.47 13.55
C ARG C 253 3.71 13.88 13.22
N TRP C 254 4.97 13.99 12.82
CA TRP C 254 5.54 15.30 12.52
C TRP C 254 4.95 15.86 11.23
N THR C 255 4.62 14.99 10.28
CA THR C 255 4.08 15.41 8.99
C THR C 255 2.62 15.86 9.10
N MET C 256 1.85 15.07 9.83
CA MET C 256 0.41 14.97 9.70
C MET C 256 -0.32 15.17 11.03
N GLY C 257 0.40 15.17 12.14
CA GLY C 257 -0.25 15.41 13.42
C GLY C 257 -0.60 14.16 14.20
N PHE C 258 -0.68 13.02 13.55
CA PHE C 258 -0.95 11.80 14.30
C PHE C 258 -0.34 10.61 13.57
N ASN C 259 -0.39 9.47 14.22
CA ASN C 259 0.36 8.32 13.74
C ASN C 259 -0.29 7.02 14.15
N ALA C 260 0.24 5.94 13.63
CA ALA C 260 -0.28 4.61 13.90
C ALA C 260 0.71 3.83 14.77
N THR C 261 0.33 2.62 15.14
CA THR C 261 1.32 1.69 15.66
C THR C 261 1.60 0.65 14.60
N MET C 262 2.60 -0.17 14.84
CA MET C 262 2.97 -1.19 13.90
C MET C 262 1.80 -2.22 13.74
N GLU C 263 1.11 -2.57 14.82
CA GLU C 263 -0.09 -3.41 14.65
C GLU C 263 -1.22 -2.60 14.06
N GLY C 264 -1.40 -1.39 14.59
CA GLY C 264 -2.55 -0.57 14.25
C GLY C 264 -2.67 -0.16 12.81
N ILE C 265 -1.54 0.03 12.12
CA ILE C 265 -1.57 0.40 10.70
C ILE C 265 -2.20 -0.72 9.89
N HIS C 266 -2.05 -1.95 10.37
CA HIS C 266 -2.65 -3.06 9.66
C HIS C 266 -4.15 -3.17 9.88
N ARG C 267 -4.65 -2.63 10.99
CA ARG C 267 -6.11 -2.51 11.14
C ARG C 267 -6.66 -1.43 10.21
N TRP C 268 -5.96 -0.31 10.09
CA TRP C 268 -6.35 0.73 9.12
C TRP C 268 -6.38 0.13 7.72
N ALA C 269 -5.35 -0.64 7.40
CA ALA C 269 -5.23 -1.26 6.10
C ALA C 269 -6.41 -2.20 5.77
N ILE C 270 -6.77 -3.07 6.70
CA ILE C 270 -7.73 -4.13 6.35
C ILE C 270 -9.10 -3.49 6.18
N TRP C 271 -9.43 -2.52 7.01
CA TRP C 271 -10.69 -1.82 6.87
C TRP C 271 -10.78 -0.93 5.62
N MET C 272 -9.71 -0.21 5.31
CA MET C 272 -9.69 0.62 4.12
C MET C 272 -10.04 -0.25 2.89
N ALA C 273 -9.36 -1.39 2.74
CA ALA C 273 -9.64 -2.26 1.61
C ALA C 273 -11.04 -2.90 1.64
N VAL C 274 -11.44 -3.51 2.76
CA VAL C 274 -12.72 -4.23 2.74
C VAL C 274 -13.90 -3.26 2.57
N LEU C 275 -13.75 -2.00 2.97
CA LEU C 275 -14.84 -1.02 2.82
C LEU C 275 -15.15 -0.69 1.36
N VAL C 276 -14.20 -0.96 0.47
CA VAL C 276 -14.43 -0.72 -0.95
C VAL C 276 -15.63 -1.52 -1.44
N THR C 277 -15.56 -2.84 -1.25
CA THR C 277 -16.59 -3.75 -1.73
C THR C 277 -17.80 -3.90 -0.78
N LEU C 278 -17.61 -3.60 0.49
CA LEU C 278 -18.71 -3.58 1.44
C LEU C 278 -19.69 -2.48 1.00
N THR C 279 -19.17 -1.25 0.83
CA THR C 279 -20.02 -0.13 0.43
C THR C 279 -20.53 -0.28 -1.02
N GLY C 280 -19.66 -0.72 -1.91
CA GLY C 280 -20.06 -0.90 -3.28
C GLY C 280 -21.25 -1.84 -3.41
N GLY C 281 -21.15 -2.98 -2.73
CA GLY C 281 -22.24 -3.94 -2.63
C GLY C 281 -23.57 -3.32 -2.22
N ILE C 282 -23.56 -2.53 -1.16
CA ILE C 282 -24.76 -1.85 -0.73
C ILE C 282 -25.30 -0.94 -1.84
N GLY C 283 -24.42 -0.15 -2.44
CA GLY C 283 -24.81 0.76 -3.52
C GLY C 283 -25.46 0.07 -4.70
N ILE C 284 -24.89 -1.05 -5.15
CA ILE C 284 -25.50 -1.80 -6.24
C ILE C 284 -26.83 -2.41 -5.81
N LEU C 285 -26.88 -2.89 -4.57
CA LEU C 285 -28.05 -3.58 -4.06
C LEU C 285 -29.25 -2.64 -4.08
N LEU C 286 -29.01 -1.38 -3.73
CA LEU C 286 -30.07 -0.38 -3.64
C LEU C 286 -30.56 0.10 -5.00
N SER C 287 -29.80 -0.14 -6.06
CA SER C 287 -30.10 0.42 -7.37
C SER C 287 -31.15 -0.38 -8.11
N GLY C 288 -32.30 0.25 -8.36
CA GLY C 288 -33.36 -0.37 -9.12
C GLY C 288 -34.30 -1.20 -8.26
N THR C 289 -33.87 -1.51 -7.04
CA THR C 289 -34.75 -2.09 -6.05
C THR C 289 -35.42 -0.98 -5.27
N VAL C 290 -34.61 -0.03 -4.79
CA VAL C 290 -35.10 1.08 -3.98
C VAL C 290 -35.04 2.39 -4.76
N VAL C 291 -33.94 2.63 -5.47
CA VAL C 291 -33.73 3.88 -6.20
C VAL C 291 -33.61 3.61 -7.69
N ASP C 292 -34.43 4.29 -8.47
CA ASP C 292 -34.40 4.20 -9.93
C ASP C 292 -33.42 5.15 -10.56
N ASN C 293 -33.28 6.32 -9.94
CA ASN C 293 -32.53 7.39 -10.57
C ASN C 293 -31.77 8.16 -9.51
N TRP C 294 -30.46 7.91 -9.48
CA TRP C 294 -29.67 8.47 -8.42
C TRP C 294 -29.54 9.96 -8.52
N TYR C 295 -29.45 10.48 -9.73
CA TYR C 295 -29.33 11.93 -9.88
C TYR C 295 -30.54 12.62 -9.29
N VAL C 296 -31.72 12.11 -9.63
CA VAL C 296 -32.99 12.69 -9.16
C VAL C 296 -33.18 12.49 -7.66
N TRP C 297 -32.85 11.30 -7.16
CA TRP C 297 -32.85 11.02 -5.73
C TRP C 297 -31.96 11.98 -4.98
N GLY C 298 -30.80 12.27 -5.58
CA GLY C 298 -29.85 13.19 -4.98
C GLY C 298 -30.36 14.62 -4.85
N GLN C 299 -31.15 15.09 -5.81
CA GLN C 299 -31.60 16.48 -5.81
C GLN C 299 -32.64 16.76 -4.74
N ASN C 300 -33.16 15.70 -4.14
CA ASN C 300 -34.07 15.82 -3.00
C ASN C 300 -33.32 15.53 -1.71
N HIS C 301 -32.01 15.28 -1.88
CA HIS C 301 -31.07 14.86 -0.83
C HIS C 301 -31.46 13.53 -0.17
N GLY C 302 -32.55 12.93 -0.64
CA GLY C 302 -33.08 11.71 -0.09
C GLY C 302 -34.60 11.69 -0.09
#